data_5H1B
#
_entry.id   5H1B
#
loop_
_entity.id
_entity.type
_entity.pdbx_description
1 polymer 'DNA repair protein RAD51 homolog 1'
2 polymer "DNA (5'-D(P*TP*TP*TP*TP*TP*TP*TP*TP*T)-3')"
3 non-polymer 'PHOSPHOAMINOPHOSPHONIC ACID-ADENYLATE ESTER'
4 non-polymer 'MAGNESIUM ION'
#
loop_
_entity_poly.entity_id
_entity_poly.type
_entity_poly.pdbx_seq_one_letter_code
_entity_poly.pdbx_strand_id
1 'polypeptide(L)'
;MAMQMQLEANADTSVEEESFGPQPISRLEQCGINANDVKKLEEAGFHTVEAVAYAPKKELINIKGISEAKADKILAEAAK
LVPMGFTTATEFHQRRSEIIQITTGSKELDKLLQGGIETGSITEMFGEFRTGKTQICHTLAVTCQLPIDRGGGEGKAMYI
DTEGTFRPERLLAVAERYGLSGSDVLDNVAYARAFNTDHQTQLLYQASAMMVESRYALLIVDSATALYRTDYSGRGELSA
RQMHLARFLRMLLRLADEFGVAVVITNQVVAQVDGAAMFAADPKKPIGGNIIAHASTTRLYLRKGRGETRICQIYDSPCL
PEAEAMFAINADGVGDAKD
;
A,B,C
2 'polydeoxyribonucleotide' (DT)(DT)(DT)(DT)(DT)(DT)(DT)(DT)(DT) D
#
# COMPACT_ATOMS: atom_id res chain seq x y z
N PRO A 22 -26.53 30.74 15.32
CA PRO A 22 -25.83 30.64 16.61
C PRO A 22 -26.82 30.50 17.75
N GLN A 23 -28.10 30.46 17.41
CA GLN A 23 -29.18 30.70 18.35
C GLN A 23 -29.84 29.42 18.84
N PRO A 24 -29.77 29.17 20.15
CA PRO A 24 -30.32 27.98 20.81
C PRO A 24 -31.84 27.93 20.74
N ILE A 25 -32.37 26.71 20.71
CA ILE A 25 -33.78 26.47 20.43
C ILE A 25 -34.67 26.94 21.60
N SER A 26 -34.06 27.31 22.72
CA SER A 26 -34.83 27.74 23.87
C SER A 26 -35.66 28.94 23.49
N ARG A 27 -35.13 29.74 22.56
CA ARG A 27 -35.83 30.89 22.02
C ARG A 27 -37.02 30.43 21.18
N LEU A 28 -36.92 29.22 20.63
CA LEU A 28 -38.08 28.56 20.04
C LEU A 28 -38.83 27.81 21.13
N GLU A 29 -38.12 27.38 22.16
CA GLU A 29 -38.76 26.77 23.32
C GLU A 29 -39.52 27.87 24.03
N GLN A 30 -40.61 28.28 23.41
CA GLN A 30 -41.33 29.47 23.78
C GLN A 30 -42.66 29.37 23.05
N CYS A 31 -43.63 30.18 23.46
CA CYS A 31 -44.95 30.19 22.84
C CYS A 31 -45.60 28.81 22.87
N GLY A 32 -45.49 28.14 24.02
CA GLY A 32 -46.33 27.01 24.33
C GLY A 32 -45.86 25.61 23.98
N ILE A 33 -44.78 25.48 23.21
CA ILE A 33 -44.27 24.15 22.91
C ILE A 33 -43.77 23.43 24.16
N ASN A 34 -44.07 22.14 24.29
CA ASN A 34 -43.48 21.35 25.37
C ASN A 34 -41.96 21.30 25.24
N ALA A 35 -41.28 21.47 26.35
CA ALA A 35 -39.83 21.38 26.35
C ALA A 35 -39.37 19.98 26.00
N ASN A 36 -40.13 19.00 26.44
CA ASN A 36 -39.74 17.60 26.30
C ASN A 36 -39.49 17.18 24.88
N ASP A 37 -40.46 17.47 24.02
CA ASP A 37 -40.39 17.00 22.65
C ASP A 37 -39.21 17.65 21.95
N VAL A 38 -38.95 18.90 22.32
CA VAL A 38 -37.81 19.61 21.74
C VAL A 38 -36.53 18.97 22.23
N LYS A 39 -36.57 18.47 23.47
CA LYS A 39 -35.40 17.79 24.02
C LYS A 39 -35.18 16.52 23.24
N LYS A 40 -36.26 15.93 22.76
CA LYS A 40 -36.14 14.80 21.84
C LYS A 40 -35.54 15.24 20.52
N LEU A 41 -35.86 16.47 20.12
CA LEU A 41 -35.37 16.99 18.85
C LEU A 41 -33.87 17.19 18.91
N GLU A 42 -33.37 17.53 20.09
CA GLU A 42 -31.95 17.78 20.29
C GLU A 42 -31.18 16.51 20.01
N GLU A 43 -31.82 15.39 20.34
CA GLU A 43 -31.23 14.08 20.18
C GLU A 43 -31.03 13.71 18.72
N ALA A 44 -31.96 14.13 17.88
CA ALA A 44 -31.90 13.81 16.45
C ALA A 44 -30.72 14.50 15.78
N GLY A 45 -30.35 15.66 16.32
CA GLY A 45 -29.20 16.38 15.82
C GLY A 45 -29.36 17.88 15.95
N PHE A 46 -30.61 18.34 15.89
CA PHE A 46 -30.87 19.76 15.82
C PHE A 46 -30.49 20.46 17.11
N HIS A 47 -29.99 21.70 17.00
CA HIS A 47 -29.66 22.49 18.18
C HIS A 47 -29.91 23.96 17.96
N THR A 48 -29.75 24.41 16.72
CA THR A 48 -30.02 25.80 16.36
C THR A 48 -31.50 26.09 16.17
N VAL A 49 -31.87 27.35 16.36
CA VAL A 49 -33.16 27.82 15.89
C VAL A 49 -33.24 27.65 14.37
N GLU A 50 -32.11 27.89 13.72
CA GLU A 50 -32.06 27.78 12.27
C GLU A 50 -32.26 26.34 11.81
N ALA A 51 -31.98 25.39 12.69
CA ALA A 51 -32.14 23.99 12.29
C ALA A 51 -33.56 23.77 11.82
N VAL A 52 -34.53 24.10 12.65
CA VAL A 52 -35.90 24.01 12.22
C VAL A 52 -36.16 25.07 11.17
N ALA A 53 -35.48 26.21 11.26
CA ALA A 53 -35.66 27.22 10.23
C ALA A 53 -35.15 26.68 8.90
N TYR A 54 -34.22 25.74 8.96
CA TYR A 54 -33.70 25.10 7.77
C TYR A 54 -34.09 23.63 7.74
N ALA A 55 -35.08 23.25 8.55
CA ALA A 55 -35.49 21.86 8.58
C ALA A 55 -36.31 21.46 7.38
N PRO A 56 -35.98 20.31 6.79
CA PRO A 56 -36.95 19.60 5.96
C PRO A 56 -38.11 19.19 6.82
N LYS A 57 -39.32 19.25 6.27
CA LYS A 57 -40.52 19.04 7.06
C LYS A 57 -40.67 17.59 7.50
N LYS A 58 -40.53 16.70 6.51
CA LYS A 58 -40.74 15.30 6.78
C LYS A 58 -39.76 14.82 7.80
N GLU A 59 -38.51 15.26 7.68
CA GLU A 59 -37.45 14.69 8.50
C GLU A 59 -37.64 15.09 9.94
N LEU A 60 -38.27 16.23 10.16
CA LEU A 60 -38.57 16.62 11.52
C LEU A 60 -39.74 15.80 12.01
N ILE A 61 -40.68 15.51 11.11
CA ILE A 61 -41.81 14.67 11.47
C ILE A 61 -41.35 13.25 11.81
N ASN A 62 -40.24 12.85 11.23
CA ASN A 62 -39.77 11.47 11.29
C ASN A 62 -39.20 11.08 12.63
N ILE A 63 -38.89 12.08 13.44
CA ILE A 63 -38.50 11.83 14.82
C ILE A 63 -39.72 11.28 15.54
N LYS A 64 -39.53 10.22 16.33
CA LYS A 64 -40.63 9.65 17.08
C LYS A 64 -40.95 10.42 18.35
N GLY A 65 -42.16 10.25 18.85
CA GLY A 65 -42.64 11.04 19.97
C GLY A 65 -43.12 12.39 19.50
N ILE A 66 -43.59 12.43 18.25
CA ILE A 66 -44.09 13.67 17.66
C ILE A 66 -45.49 13.52 17.04
N SER A 67 -46.34 14.50 17.26
CA SER A 67 -47.54 14.67 16.45
C SER A 67 -47.23 15.71 15.38
N GLU A 68 -47.71 15.49 14.17
CA GLU A 68 -47.27 16.29 13.04
C GLU A 68 -47.58 17.76 13.22
N ALA A 69 -48.70 18.05 13.88
CA ALA A 69 -49.11 19.44 14.07
C ALA A 69 -48.09 20.15 14.92
N LYS A 70 -47.44 19.40 15.81
CA LYS A 70 -46.40 19.98 16.63
C LYS A 70 -45.28 20.40 15.73
N ALA A 71 -44.99 19.60 14.71
CA ALA A 71 -43.94 19.96 13.77
C ALA A 71 -44.35 21.21 13.02
N ASP A 72 -45.65 21.32 12.81
CA ASP A 72 -46.19 22.42 12.04
C ASP A 72 -45.95 23.72 12.79
N LYS A 73 -46.25 23.68 14.09
CA LYS A 73 -46.11 24.87 14.90
C LYS A 73 -44.66 25.11 15.28
N ILE A 74 -43.85 24.07 15.19
CA ILE A 74 -42.42 24.24 15.36
C ILE A 74 -41.93 25.05 14.18
N LEU A 75 -42.51 24.79 13.01
CA LEU A 75 -42.24 25.64 11.87
C LEU A 75 -42.80 27.04 12.09
N ALA A 76 -43.90 27.13 12.82
CA ALA A 76 -44.51 28.44 13.06
C ALA A 76 -43.56 29.33 13.85
N GLU A 77 -43.05 28.82 14.96
CA GLU A 77 -42.08 29.58 15.75
C GLU A 77 -40.74 29.74 15.05
N ALA A 78 -40.38 28.76 14.22
CA ALA A 78 -39.12 28.85 13.50
C ALA A 78 -39.15 30.02 12.54
N ALA A 79 -40.24 30.09 11.78
CA ALA A 79 -40.44 31.20 10.87
C ALA A 79 -40.56 32.47 11.68
N LYS A 80 -41.11 32.33 12.89
CA LYS A 80 -41.34 33.48 13.74
C LYS A 80 -40.04 34.14 14.18
N LEU A 81 -38.99 33.33 14.35
CA LEU A 81 -37.72 33.90 14.78
C LEU A 81 -36.66 33.89 13.71
N VAL A 82 -36.94 33.28 12.57
CA VAL A 82 -36.00 33.33 11.46
C VAL A 82 -36.70 33.67 10.15
N PRO A 83 -36.38 34.83 9.59
CA PRO A 83 -36.90 35.14 8.25
C PRO A 83 -36.36 34.17 7.23
N MET A 84 -37.16 33.76 6.27
CA MET A 84 -36.68 32.88 5.22
C MET A 84 -37.28 33.30 3.90
N GLY A 85 -37.93 34.46 3.92
CA GLY A 85 -38.56 35.00 2.73
C GLY A 85 -37.63 35.82 1.88
N PHE A 86 -38.18 36.48 0.88
CA PHE A 86 -37.39 37.33 0.00
C PHE A 86 -36.72 38.47 0.73
N THR A 87 -35.53 38.82 0.26
CA THR A 87 -34.84 40.01 0.71
C THR A 87 -34.19 40.75 -0.45
N THR A 88 -33.92 42.02 -0.22
CA THR A 88 -33.30 42.91 -1.19
C THR A 88 -31.87 42.51 -1.54
N ALA A 89 -31.49 42.68 -2.80
CA ALA A 89 -30.12 42.35 -3.21
C ALA A 89 -29.07 43.16 -2.45
N THR A 90 -29.39 44.41 -2.11
CA THR A 90 -28.42 45.28 -1.45
C THR A 90 -28.05 44.72 -0.10
N GLU A 91 -29.03 44.10 0.54
CA GLU A 91 -28.84 43.52 1.86
C GLU A 91 -27.85 42.38 1.84
N PHE A 92 -28.08 41.45 0.94
CA PHE A 92 -27.20 40.31 0.84
C PHE A 92 -25.83 40.78 0.41
N HIS A 93 -25.82 41.88 -0.33
CA HIS A 93 -24.58 42.50 -0.74
C HIS A 93 -23.79 42.99 0.47
N GLN A 94 -24.53 43.52 1.42
CA GLN A 94 -23.92 43.92 2.68
C GLN A 94 -23.44 42.70 3.46
N ARG A 95 -24.16 41.59 3.35
CA ARG A 95 -23.65 40.39 3.99
C ARG A 95 -22.37 39.91 3.33
N ARG A 96 -22.24 40.15 2.03
CA ARG A 96 -21.01 39.78 1.35
C ARG A 96 -19.91 40.77 1.75
N SER A 97 -20.29 41.93 2.25
CA SER A 97 -19.30 42.72 2.97
C SER A 97 -18.94 42.04 4.28
N GLU A 98 -19.93 41.44 4.92
CA GLU A 98 -19.77 40.91 6.27
C GLU A 98 -18.82 39.72 6.39
N ILE A 99 -18.67 38.93 5.34
CA ILE A 99 -17.85 37.71 5.42
C ILE A 99 -16.42 38.03 5.80
N ILE A 100 -16.01 37.52 6.96
CA ILE A 100 -14.69 37.78 7.49
C ILE A 100 -13.64 37.13 6.60
N GLN A 101 -14.03 36.02 5.98
CA GLN A 101 -13.16 35.17 5.17
C GLN A 101 -11.74 35.06 5.71
N ILE A 102 -11.51 34.00 6.46
CA ILE A 102 -10.23 33.76 7.12
C ILE A 102 -9.07 33.61 6.14
N THR A 103 -7.98 34.31 6.41
CA THR A 103 -6.82 34.28 5.53
C THR A 103 -6.00 33.01 5.64
N THR A 104 -5.35 32.66 4.53
CA THR A 104 -4.53 31.48 4.43
C THR A 104 -3.29 31.51 5.30
N GLY A 105 -2.87 32.71 5.69
CA GLY A 105 -1.56 32.89 6.31
C GLY A 105 -0.50 33.14 5.25
N SER A 106 -0.93 33.13 4.00
CA SER A 106 -0.08 33.51 2.89
C SER A 106 -0.74 34.61 2.08
N LYS A 107 -0.06 35.75 1.94
CA LYS A 107 -0.70 36.93 1.38
C LYS A 107 -1.15 36.72 -0.06
N GLU A 108 -0.43 35.90 -0.81
CA GLU A 108 -0.70 35.83 -2.23
C GLU A 108 -1.72 34.76 -2.61
N LEU A 109 -1.85 33.72 -1.79
CA LEU A 109 -3.06 32.90 -1.90
C LEU A 109 -4.25 33.74 -1.50
N ASP A 110 -4.04 34.62 -0.52
CA ASP A 110 -5.13 35.46 -0.03
C ASP A 110 -5.58 36.40 -1.14
N LYS A 111 -4.62 36.81 -1.96
CA LYS A 111 -4.91 37.63 -3.11
C LYS A 111 -5.53 36.80 -4.21
N LEU A 112 -5.18 35.51 -4.28
CA LEU A 112 -5.86 34.60 -5.18
C LEU A 112 -7.29 34.42 -4.75
N LEU A 113 -7.45 34.11 -3.47
CA LEU A 113 -8.74 33.79 -2.91
C LEU A 113 -9.54 35.05 -2.62
N GLN A 114 -8.90 36.19 -2.84
CA GLN A 114 -9.50 37.47 -2.49
C GLN A 114 -9.84 37.45 -1.01
N GLY A 115 -8.84 37.68 -0.17
CA GLY A 115 -9.08 37.80 1.26
C GLY A 115 -9.24 36.48 1.96
N GLY A 116 -8.85 35.41 1.28
CA GLY A 116 -8.84 34.09 1.89
C GLY A 116 -10.18 33.39 1.86
N ILE A 117 -10.22 32.19 2.39
CA ILE A 117 -11.41 31.35 2.35
C ILE A 117 -12.59 31.99 3.07
N GLU A 118 -13.75 31.99 2.43
CA GLU A 118 -14.91 32.67 3.00
C GLU A 118 -15.56 31.93 4.15
N THR A 119 -16.14 32.71 5.05
CA THR A 119 -16.91 32.20 6.17
C THR A 119 -18.20 31.57 5.65
N GLY A 120 -18.56 30.41 6.19
CA GLY A 120 -19.83 29.82 5.86
C GLY A 120 -19.93 29.15 4.50
N SER A 121 -18.78 28.88 3.88
CA SER A 121 -18.76 28.25 2.57
C SER A 121 -18.07 26.89 2.60
N ILE A 122 -17.77 26.36 1.41
CA ILE A 122 -17.08 25.09 1.27
C ILE A 122 -15.85 25.28 0.40
N THR A 123 -14.84 24.45 0.64
CA THR A 123 -13.59 24.55 -0.10
C THR A 123 -13.14 23.17 -0.59
N GLU A 124 -12.24 23.17 -1.58
CA GLU A 124 -11.77 21.90 -2.15
C GLU A 124 -10.26 21.87 -2.38
N MET A 125 -9.63 20.73 -2.08
CA MET A 125 -8.23 20.56 -2.39
C MET A 125 -8.09 19.53 -3.50
N PHE A 126 -7.51 19.97 -4.61
CA PHE A 126 -7.22 19.07 -5.72
C PHE A 126 -5.72 18.84 -5.73
N GLY A 127 -5.33 17.58 -5.64
CA GLY A 127 -3.91 17.24 -5.64
C GLY A 127 -3.66 15.75 -5.72
N GLU A 128 -2.44 15.37 -6.09
CA GLU A 128 -2.06 13.97 -6.18
C GLU A 128 -1.61 13.43 -4.83
N PHE A 129 -0.47 13.90 -4.36
CA PHE A 129 0.05 13.48 -3.08
C PHE A 129 1.21 14.40 -2.90
N ARG A 130 1.80 14.45 -1.72
CA ARG A 130 3.05 15.18 -1.56
C ARG A 130 2.81 16.67 -1.80
N THR A 131 1.55 17.07 -1.86
CA THR A 131 1.18 18.43 -2.24
C THR A 131 1.21 19.38 -1.07
N GLY A 132 0.91 18.88 0.12
CA GLY A 132 0.79 19.75 1.27
C GLY A 132 -0.61 20.31 1.47
N LYS A 133 -1.59 19.75 0.80
CA LYS A 133 -2.96 20.20 0.99
C LYS A 133 -3.41 20.02 2.43
N THR A 134 -3.06 18.89 3.04
CA THR A 134 -3.36 18.72 4.44
C THR A 134 -2.55 19.70 5.25
N GLN A 135 -1.37 20.03 4.75
CA GLN A 135 -0.49 20.98 5.40
C GLN A 135 -1.14 22.35 5.42
N ILE A 136 -1.82 22.66 4.32
CA ILE A 136 -2.58 23.88 4.23
C ILE A 136 -3.63 23.82 5.31
N CYS A 137 -4.26 22.67 5.43
CA CYS A 137 -5.35 22.56 6.39
C CYS A 137 -4.88 22.75 7.83
N HIS A 138 -3.68 22.30 8.16
CA HIS A 138 -3.16 22.58 9.50
C HIS A 138 -2.89 24.05 9.68
N THR A 139 -2.28 24.67 8.67
CA THR A 139 -1.95 26.09 8.81
C THR A 139 -3.21 26.91 8.97
N LEU A 140 -4.27 26.49 8.30
CA LEU A 140 -5.53 27.19 8.44
C LEU A 140 -6.07 26.98 9.83
N ALA A 141 -5.94 25.75 10.32
CA ALA A 141 -6.47 25.44 11.64
C ALA A 141 -5.77 26.27 12.71
N VAL A 142 -4.52 26.61 12.47
CA VAL A 142 -3.82 27.48 13.41
C VAL A 142 -4.27 28.91 13.25
N THR A 143 -4.37 29.37 12.01
CA THR A 143 -4.63 30.79 11.78
C THR A 143 -6.05 31.21 12.12
N CYS A 144 -6.95 30.25 12.25
CA CYS A 144 -8.33 30.61 12.57
C CYS A 144 -8.44 31.34 13.90
N GLN A 145 -7.53 31.03 14.83
CA GLN A 145 -7.56 31.67 16.13
C GLN A 145 -7.24 33.14 16.03
N LEU A 146 -6.59 33.52 14.94
CA LEU A 146 -6.06 34.86 14.82
C LEU A 146 -7.15 35.93 14.84
N PRO A 147 -6.84 37.08 15.45
CA PRO A 147 -7.72 38.24 15.43
C PRO A 147 -7.87 38.71 14.00
N ILE A 148 -9.02 39.28 13.69
CA ILE A 148 -9.43 39.53 12.32
C ILE A 148 -8.44 40.43 11.59
N ASP A 149 -7.75 41.27 12.36
CA ASP A 149 -6.73 42.13 11.78
C ASP A 149 -5.57 41.32 11.21
N ARG A 150 -5.38 40.13 11.77
CA ARG A 150 -4.41 39.18 11.24
C ARG A 150 -5.07 38.38 10.12
N GLY A 151 -6.35 38.65 9.87
CA GLY A 151 -7.10 37.92 8.86
C GLY A 151 -7.77 36.66 9.36
N GLY A 152 -7.73 36.42 10.65
CA GLY A 152 -8.42 35.29 11.22
C GLY A 152 -9.90 35.57 11.46
N GLY A 153 -10.64 34.55 11.85
CA GLY A 153 -12.05 34.71 12.16
C GLY A 153 -12.34 34.72 13.65
N GLU A 154 -11.30 34.51 14.45
CA GLU A 154 -11.43 34.29 15.88
C GLU A 154 -12.52 33.30 16.23
N GLY A 155 -12.18 32.01 16.12
CA GLY A 155 -13.06 30.95 16.53
C GLY A 155 -12.30 29.69 16.83
N LYS A 156 -12.82 28.82 17.71
CA LYS A 156 -12.25 27.52 18.00
C LYS A 156 -12.38 26.67 16.75
N ALA A 157 -11.41 25.79 16.52
CA ALA A 157 -11.37 25.01 15.30
C ALA A 157 -11.45 23.52 15.58
N MET A 158 -12.33 22.84 14.85
CA MET A 158 -12.47 21.39 14.96
C MET A 158 -11.95 20.75 13.68
N TYR A 159 -11.02 19.82 13.84
CA TYR A 159 -10.38 19.18 12.70
C TYR A 159 -10.64 17.68 12.72
N ILE A 160 -11.12 17.14 11.60
CA ILE A 160 -11.36 15.71 11.49
C ILE A 160 -10.46 15.11 10.41
N ASP A 161 -9.71 14.09 10.80
CA ASP A 161 -8.80 13.42 9.87
C ASP A 161 -9.10 11.92 9.78
N THR A 162 -9.12 11.41 8.56
CA THR A 162 -9.39 9.99 8.32
C THR A 162 -8.09 9.19 8.25
N GLU A 163 -7.04 9.83 7.75
CA GLU A 163 -5.74 9.18 7.63
C GLU A 163 -4.89 9.42 8.87
N GLY A 164 -5.37 10.26 9.77
CA GLY A 164 -4.74 10.43 11.06
C GLY A 164 -3.46 11.23 11.02
N THR A 165 -3.22 11.89 9.91
CA THR A 165 -1.98 12.60 9.68
C THR A 165 -1.81 13.78 10.62
N PHE A 166 -2.93 14.24 11.17
CA PHE A 166 -3.00 15.38 12.09
C PHE A 166 -1.72 15.61 12.87
N ARG A 167 -1.26 16.85 12.83
CA ARG A 167 0.09 17.15 13.25
C ARG A 167 0.10 18.30 14.22
N PRO A 168 -0.15 17.99 15.51
CA PRO A 168 -0.18 18.99 16.56
C PRO A 168 1.17 19.70 16.62
N GLU A 169 2.22 18.97 16.26
CA GLU A 169 3.53 19.56 16.10
C GLU A 169 3.44 20.77 15.20
N ARG A 170 2.78 20.59 14.06
CA ARG A 170 2.64 21.66 13.09
C ARG A 170 1.83 22.81 13.67
N LEU A 171 0.89 22.48 14.55
CA LEU A 171 0.08 23.51 15.18
C LEU A 171 0.99 24.36 16.04
N LEU A 172 1.90 23.70 16.74
CA LEU A 172 2.87 24.40 17.54
C LEU A 172 3.76 25.20 16.64
N ALA A 173 3.96 24.70 15.43
CA ALA A 173 4.88 25.32 14.48
C ALA A 173 4.35 26.66 13.99
N VAL A 174 3.12 26.67 13.49
CA VAL A 174 2.55 27.92 13.00
C VAL A 174 2.26 28.83 14.20
N ALA A 175 2.10 28.22 15.37
CA ALA A 175 2.03 29.01 16.59
C ALA A 175 3.32 29.79 16.77
N GLU A 176 4.42 29.14 16.48
CA GLU A 176 5.73 29.78 16.52
C GLU A 176 5.82 30.83 15.44
N ARG A 177 5.09 30.60 14.35
CA ARG A 177 5.02 31.56 13.25
C ARG A 177 4.35 32.84 13.72
N TYR A 178 3.44 32.74 14.67
CA TYR A 178 2.66 33.91 15.06
C TYR A 178 2.79 34.29 16.53
N GLY A 179 3.23 33.35 17.35
CA GLY A 179 3.58 33.66 18.73
C GLY A 179 2.49 33.48 19.78
N LEU A 180 1.25 33.31 19.33
CA LEU A 180 0.21 32.91 20.26
C LEU A 180 0.62 31.54 20.77
N SER A 181 0.38 31.27 22.05
CA SER A 181 0.91 30.06 22.67
C SER A 181 0.37 28.82 21.98
N GLY A 182 1.23 27.82 21.82
CA GLY A 182 0.83 26.59 21.16
C GLY A 182 -0.20 25.88 22.01
N SER A 183 -0.14 26.13 23.32
CA SER A 183 -1.16 25.63 24.22
C SER A 183 -2.50 26.24 23.88
N ASP A 184 -2.52 27.52 23.51
CA ASP A 184 -3.75 28.14 23.04
C ASP A 184 -4.21 27.58 21.72
N VAL A 185 -3.24 27.17 20.89
CA VAL A 185 -3.58 26.57 19.63
C VAL A 185 -4.30 25.25 19.89
N LEU A 186 -3.84 24.55 20.91
CA LEU A 186 -4.42 23.25 21.24
C LEU A 186 -5.67 23.43 22.08
N ASP A 187 -5.91 24.66 22.53
CA ASP A 187 -7.14 24.98 23.23
C ASP A 187 -8.34 24.80 22.30
N ASN A 188 -8.11 25.02 21.01
CA ASN A 188 -9.15 24.83 20.00
C ASN A 188 -8.93 23.56 19.19
N VAL A 189 -9.13 23.64 17.88
CA VAL A 189 -8.91 22.49 17.03
C VAL A 189 -9.31 21.23 17.80
N ALA A 190 -10.46 20.68 17.45
CA ALA A 190 -10.92 19.46 18.09
C ALA A 190 -10.72 18.32 17.11
N TYR A 191 -9.97 17.31 17.53
CA TYR A 191 -9.64 16.23 16.63
C TYR A 191 -10.24 14.91 17.08
N ALA A 192 -11.03 14.31 16.20
CA ALA A 192 -11.53 12.96 16.41
C ALA A 192 -11.16 12.15 15.19
N ARG A 193 -10.57 10.98 15.41
CA ARG A 193 -10.21 10.07 14.31
C ARG A 193 -11.45 9.31 13.82
N ALA A 194 -11.74 9.42 12.52
CA ALA A 194 -12.88 8.75 11.93
C ALA A 194 -12.47 7.42 11.30
N PHE A 195 -13.33 6.86 10.44
CA PHE A 195 -13.01 5.60 9.79
C PHE A 195 -14.10 5.17 8.83
N ASN A 196 -15.34 5.08 9.30
CA ASN A 196 -16.45 4.84 8.41
C ASN A 196 -16.87 6.13 7.76
N THR A 197 -17.48 6.02 6.60
CA THR A 197 -18.26 7.13 6.11
C THR A 197 -19.38 7.31 7.13
N ASP A 198 -19.83 6.19 7.67
CA ASP A 198 -20.92 6.18 8.65
C ASP A 198 -20.52 6.89 9.92
N HIS A 199 -19.26 6.80 10.30
CA HIS A 199 -18.81 7.49 11.49
C HIS A 199 -18.84 8.99 11.28
N GLN A 200 -18.66 9.41 10.02
CA GLN A 200 -18.45 10.82 9.74
C GLN A 200 -19.65 11.62 10.20
N THR A 201 -20.82 11.15 9.82
CA THR A 201 -22.04 11.89 10.10
C THR A 201 -22.22 11.99 11.60
N GLN A 202 -21.77 10.95 12.29
CA GLN A 202 -21.89 10.90 13.72
C GLN A 202 -21.01 12.01 14.28
N LEU A 203 -19.82 12.13 13.72
CA LEU A 203 -18.91 13.18 14.11
C LEU A 203 -19.50 14.53 13.80
N LEU A 204 -20.37 14.58 12.80
CA LEU A 204 -20.98 15.84 12.41
C LEU A 204 -22.02 16.28 13.40
N TYR A 205 -22.87 15.37 13.83
CA TYR A 205 -23.84 15.77 14.83
C TYR A 205 -23.14 16.09 16.14
N GLN A 206 -22.11 15.32 16.44
CA GLN A 206 -21.35 15.61 17.65
C GLN A 206 -20.79 16.98 17.49
N ALA A 207 -20.43 17.31 16.26
CA ALA A 207 -19.84 18.60 15.97
C ALA A 207 -20.87 19.66 16.29
N SER A 208 -22.12 19.40 15.95
CA SER A 208 -23.17 20.40 16.15
C SER A 208 -23.34 20.71 17.64
N ALA A 209 -23.40 19.63 18.41
CA ALA A 209 -23.56 19.78 19.84
C ALA A 209 -22.37 20.51 20.41
N MET A 210 -21.21 20.27 19.82
CA MET A 210 -20.00 20.99 20.21
C MET A 210 -20.12 22.45 19.84
N MET A 211 -20.87 22.74 18.79
CA MET A 211 -20.95 24.08 18.24
C MET A 211 -21.73 24.98 19.15
N VAL A 212 -22.99 24.62 19.38
CA VAL A 212 -23.90 25.58 19.99
C VAL A 212 -23.43 25.95 21.40
N GLU A 213 -22.57 25.11 21.96
CA GLU A 213 -21.84 25.42 23.17
C GLU A 213 -21.08 26.73 23.05
N SER A 214 -20.32 26.89 21.96
CA SER A 214 -19.50 28.08 21.74
C SER A 214 -19.10 28.25 20.29
N ARG A 215 -18.78 29.47 19.90
CA ARG A 215 -18.45 29.77 18.51
C ARG A 215 -17.24 29.02 18.03
N TYR A 216 -17.32 28.52 16.81
CA TYR A 216 -16.19 27.93 16.14
C TYR A 216 -15.91 28.63 14.83
N ALA A 217 -14.67 28.53 14.37
CA ALA A 217 -14.29 29.17 13.13
C ALA A 217 -14.46 28.25 11.94
N LEU A 218 -13.78 27.10 12.02
CA LEU A 218 -13.58 26.28 10.84
C LEU A 218 -13.74 24.80 11.07
N LEU A 219 -14.50 24.15 10.19
CA LEU A 219 -14.46 22.71 10.01
C LEU A 219 -13.42 22.34 8.97
N ILE A 220 -12.63 21.32 9.28
CA ILE A 220 -11.68 20.82 8.31
C ILE A 220 -11.84 19.34 8.16
N VAL A 221 -11.84 18.87 6.92
CA VAL A 221 -11.81 17.45 6.65
C VAL A 221 -10.85 17.21 5.49
N ASP A 222 -9.66 16.72 5.79
CA ASP A 222 -8.65 16.51 4.76
C ASP A 222 -9.09 15.43 3.77
N SER A 223 -9.96 14.55 4.24
CA SER A 223 -10.19 13.33 3.51
C SER A 223 -11.65 12.92 3.49
N ALA A 224 -12.51 13.89 3.24
CA ALA A 224 -13.96 13.66 3.20
C ALA A 224 -14.31 12.67 2.10
N THR A 225 -13.47 12.62 1.09
CA THR A 225 -13.67 11.68 -0.01
C THR A 225 -13.14 10.29 0.31
N ALA A 226 -12.12 10.23 1.16
CA ALA A 226 -11.22 9.08 1.19
C ALA A 226 -11.90 7.78 1.55
N LEU A 227 -12.80 7.83 2.51
CA LEU A 227 -13.40 6.62 3.04
C LEU A 227 -14.32 5.94 2.04
N TYR A 228 -14.91 6.72 1.15
CA TYR A 228 -15.86 6.21 0.18
C TYR A 228 -15.29 5.28 -0.88
N ARG A 229 -14.03 5.48 -1.25
CA ARG A 229 -13.38 4.55 -2.17
C ARG A 229 -13.30 3.18 -1.55
N THR A 230 -13.28 3.13 -0.23
CA THR A 230 -12.91 1.92 0.47
C THR A 230 -14.10 1.17 1.05
N ASP A 231 -14.99 1.88 1.74
CA ASP A 231 -16.17 1.22 2.27
C ASP A 231 -17.02 0.72 1.10
N TYR A 232 -16.94 1.43 -0.01
CA TYR A 232 -17.63 1.03 -1.22
C TYR A 232 -16.64 0.55 -2.27
N SER A 233 -16.63 -0.75 -2.51
CA SER A 233 -15.79 -1.33 -3.54
C SER A 233 -16.60 -1.65 -4.78
N GLY A 234 -16.20 -1.07 -5.90
CA GLY A 234 -17.07 -0.95 -7.06
C GLY A 234 -17.53 -2.23 -7.74
N ARG A 235 -18.67 -2.15 -8.40
CA ARG A 235 -19.41 -0.89 -8.46
C ARG A 235 -20.91 -1.10 -8.38
N GLY A 236 -21.60 -0.14 -7.78
CA GLY A 236 -23.05 -0.20 -7.71
C GLY A 236 -23.56 -0.99 -6.53
N GLU A 237 -23.52 -0.49 -5.29
CA GLU A 237 -22.84 0.74 -4.82
C GLU A 237 -22.97 2.00 -5.68
N LEU A 238 -21.84 2.52 -6.17
CA LEU A 238 -21.82 3.70 -7.02
C LEU A 238 -22.78 4.76 -6.57
N SER A 239 -24.03 4.58 -6.97
CA SER A 239 -25.11 5.43 -6.53
C SER A 239 -25.11 5.51 -5.03
N ALA A 240 -25.04 4.35 -4.40
CA ALA A 240 -25.13 4.30 -2.96
C ALA A 240 -23.98 5.10 -2.39
N ARG A 241 -22.83 5.01 -3.04
CA ARG A 241 -21.68 5.73 -2.53
C ARG A 241 -22.01 7.19 -2.57
N GLN A 242 -22.46 7.63 -3.73
CA GLN A 242 -22.78 9.01 -3.93
C GLN A 242 -23.89 9.40 -3.00
N MET A 243 -24.78 8.45 -2.78
CA MET A 243 -25.98 8.69 -2.02
C MET A 243 -25.61 9.13 -0.62
N HIS A 244 -24.47 8.66 -0.15
CA HIS A 244 -24.11 9.00 1.20
C HIS A 244 -23.44 10.36 1.24
N LEU A 245 -22.64 10.68 0.24
CA LEU A 245 -21.98 11.99 0.23
C LEU A 245 -22.99 13.10 0.21
N ALA A 246 -24.13 12.87 -0.45
CA ALA A 246 -25.18 13.85 -0.44
C ALA A 246 -25.54 14.11 1.01
N ARG A 247 -25.89 13.03 1.69
CA ARG A 247 -26.29 13.10 3.08
C ARG A 247 -25.16 13.67 3.89
N PHE A 248 -23.94 13.44 3.42
CA PHE A 248 -22.81 13.99 4.10
C PHE A 248 -22.70 15.45 3.76
N LEU A 249 -22.54 15.74 2.48
CA LEU A 249 -22.12 17.08 2.09
C LEU A 249 -23.16 18.10 2.48
N ARG A 250 -24.42 17.69 2.40
CA ARG A 250 -25.50 18.59 2.71
C ARG A 250 -25.36 19.09 4.13
N MET A 251 -25.01 18.18 5.03
CA MET A 251 -24.94 18.54 6.42
C MET A 251 -23.89 19.60 6.61
N LEU A 252 -22.82 19.50 5.83
CA LEU A 252 -21.72 20.41 6.00
C LEU A 252 -22.24 21.80 5.73
N LEU A 253 -23.07 21.92 4.71
CA LEU A 253 -23.62 23.19 4.32
C LEU A 253 -24.36 23.75 5.50
N ARG A 254 -25.17 22.89 6.11
CA ARG A 254 -26.06 23.33 7.16
C ARG A 254 -25.27 23.89 8.29
N LEU A 255 -24.10 23.29 8.53
CA LEU A 255 -23.29 23.73 9.64
C LEU A 255 -22.84 25.13 9.34
N ALA A 256 -22.34 25.33 8.13
CA ALA A 256 -21.89 26.63 7.69
C ALA A 256 -23.07 27.57 7.62
N ASP A 257 -24.26 27.01 7.45
CA ASP A 257 -25.44 27.81 7.32
C ASP A 257 -25.97 28.26 8.67
N GLU A 258 -25.39 27.74 9.74
CA GLU A 258 -25.91 28.03 11.07
C GLU A 258 -24.89 28.63 12.01
N PHE A 259 -23.69 28.88 11.50
CA PHE A 259 -22.63 29.37 12.35
C PHE A 259 -21.70 30.26 11.56
N GLY A 260 -21.74 30.11 10.24
CA GLY A 260 -20.85 30.87 9.40
C GLY A 260 -19.52 30.15 9.35
N VAL A 261 -19.46 28.99 10.00
CA VAL A 261 -18.22 28.24 10.05
C VAL A 261 -17.75 27.91 8.65
N ALA A 262 -16.48 28.14 8.39
CA ALA A 262 -15.93 27.84 7.08
C ALA A 262 -15.75 26.34 6.97
N VAL A 263 -15.77 25.82 5.74
CA VAL A 263 -15.66 24.38 5.52
C VAL A 263 -14.60 24.04 4.48
N VAL A 264 -13.66 23.18 4.87
CA VAL A 264 -12.59 22.77 3.97
C VAL A 264 -12.68 21.29 3.64
N ILE A 265 -12.70 20.97 2.35
CA ILE A 265 -12.73 19.60 1.89
C ILE A 265 -11.47 19.25 1.11
N THR A 266 -10.84 18.14 1.46
CA THR A 266 -9.66 17.68 0.75
C THR A 266 -10.02 16.40 0.00
N ASN A 267 -9.73 16.40 -1.30
CA ASN A 267 -10.09 15.26 -2.14
C ASN A 267 -8.90 14.56 -2.75
N GLN A 268 -8.84 13.24 -2.60
CA GLN A 268 -7.84 12.45 -3.28
C GLN A 268 -8.26 12.34 -4.73
N VAL A 269 -7.31 12.49 -5.64
CA VAL A 269 -7.63 12.53 -7.06
C VAL A 269 -7.21 11.29 -7.83
N VAL A 270 -8.20 10.61 -8.42
CA VAL A 270 -7.95 9.47 -9.29
C VAL A 270 -7.00 9.84 -10.40
N ALA A 271 -6.31 8.85 -10.95
CA ALA A 271 -5.72 9.07 -12.24
C ALA A 271 -6.87 9.04 -13.23
N GLN A 272 -6.78 9.85 -14.27
CA GLN A 272 -7.73 9.79 -15.36
C GLN A 272 -7.10 8.96 -16.48
N VAL A 273 -7.90 8.11 -17.10
CA VAL A 273 -7.43 7.27 -18.18
C VAL A 273 -8.41 7.33 -19.32
N ASP A 274 -7.90 7.28 -20.55
CA ASP A 274 -8.73 7.48 -21.73
C ASP A 274 -7.95 7.23 -23.01
N GLY A 275 -7.25 8.27 -23.47
CA GLY A 275 -6.45 8.19 -24.68
C GLY A 275 -5.80 9.52 -25.01
N PRO A 283 -3.45 13.36 -16.71
CA PRO A 283 -4.69 14.00 -16.26
C PRO A 283 -5.01 13.63 -14.83
N LYS A 284 -6.04 14.24 -14.25
CA LYS A 284 -6.36 14.01 -12.85
C LYS A 284 -7.81 13.63 -12.62
N LYS A 285 -8.65 14.66 -12.51
CA LYS A 285 -10.07 14.53 -12.15
C LYS A 285 -10.29 14.25 -10.68
N PRO A 286 -11.10 15.08 -10.03
CA PRO A 286 -11.41 14.89 -8.60
C PRO A 286 -12.35 13.70 -8.39
N ILE A 287 -12.20 13.02 -7.26
CA ILE A 287 -13.03 11.86 -6.96
C ILE A 287 -14.35 12.26 -6.32
N GLY A 288 -15.30 11.33 -6.29
CA GLY A 288 -16.60 11.58 -5.69
C GLY A 288 -17.53 12.06 -6.78
N GLY A 289 -17.00 12.25 -7.98
CA GLY A 289 -17.83 12.51 -9.13
C GLY A 289 -18.57 13.82 -9.04
N ASN A 290 -19.64 13.92 -9.82
CA ASN A 290 -20.36 15.17 -9.96
C ASN A 290 -20.94 15.67 -8.67
N ILE A 291 -21.42 14.75 -7.84
CA ILE A 291 -22.22 15.15 -6.69
C ILE A 291 -21.42 15.96 -5.70
N ILE A 292 -20.14 15.66 -5.59
CA ILE A 292 -19.26 16.58 -4.90
C ILE A 292 -19.10 17.88 -5.66
N ALA A 293 -19.03 17.79 -6.98
CA ALA A 293 -18.69 18.96 -7.78
C ALA A 293 -19.78 20.02 -7.73
N HIS A 294 -21.03 19.61 -7.56
CA HIS A 294 -22.10 20.58 -7.50
C HIS A 294 -22.11 21.32 -6.18
N ALA A 295 -21.92 20.60 -5.09
CA ALA A 295 -21.88 21.24 -3.79
C ALA A 295 -20.66 22.15 -3.73
N SER A 296 -19.65 21.79 -4.50
CA SER A 296 -18.38 22.50 -4.47
C SER A 296 -18.58 23.97 -4.79
N THR A 297 -18.68 24.77 -3.74
CA THR A 297 -18.79 26.20 -3.90
C THR A 297 -17.52 26.76 -4.50
N THR A 298 -16.39 26.13 -4.19
CA THR A 298 -15.09 26.54 -4.73
C THR A 298 -14.16 25.34 -4.89
N ARG A 299 -13.09 25.53 -5.64
CA ARG A 299 -12.13 24.46 -5.92
C ARG A 299 -10.70 24.97 -6.04
N LEU A 300 -9.75 24.19 -5.58
CA LEU A 300 -8.35 24.57 -5.65
C LEU A 300 -7.46 23.43 -6.12
N TYR A 301 -7.11 23.43 -7.40
CA TYR A 301 -6.28 22.38 -7.97
C TYR A 301 -4.82 22.66 -7.76
N LEU A 302 -4.19 21.80 -6.95
CA LEU A 302 -2.82 22.00 -6.51
C LEU A 302 -1.88 21.18 -7.37
N ARG A 303 -0.62 21.59 -7.42
CA ARG A 303 0.40 20.87 -8.17
C ARG A 303 1.75 21.04 -7.52
N LYS A 304 2.70 20.21 -7.93
CA LYS A 304 4.04 20.31 -7.39
C LYS A 304 5.01 20.86 -8.41
N GLY A 305 5.66 21.96 -8.05
CA GLY A 305 6.80 22.46 -8.80
C GLY A 305 8.05 21.96 -8.09
N ARG A 306 9.17 22.65 -8.25
CA ARG A 306 10.35 22.33 -7.45
C ARG A 306 10.22 22.83 -6.01
N GLY A 307 10.92 22.16 -5.11
CA GLY A 307 11.06 22.63 -3.74
C GLY A 307 9.77 22.63 -2.96
N GLU A 308 9.73 23.45 -1.91
CA GLU A 308 8.52 23.64 -1.12
C GLU A 308 7.43 24.25 -1.97
N THR A 309 7.84 25.05 -2.95
CA THR A 309 6.91 25.81 -3.77
C THR A 309 5.98 24.90 -4.55
N ARG A 310 4.69 25.23 -4.52
CA ARG A 310 3.67 24.42 -5.18
C ARG A 310 2.71 25.34 -5.89
N ILE A 311 2.05 24.82 -6.91
CA ILE A 311 1.25 25.65 -7.79
C ILE A 311 -0.23 25.56 -7.45
N CYS A 312 -0.92 26.70 -7.38
CA CYS A 312 -2.32 26.67 -7.00
C CYS A 312 -3.24 27.31 -8.03
N GLN A 313 -3.99 26.49 -8.75
CA GLN A 313 -4.93 27.00 -9.75
C GLN A 313 -6.37 26.88 -9.27
N ILE A 314 -7.10 27.98 -9.31
CA ILE A 314 -8.50 27.99 -8.91
C ILE A 314 -9.44 27.35 -9.93
N TYR A 315 -10.45 26.63 -9.44
CA TYR A 315 -11.59 26.26 -10.27
C TYR A 315 -12.93 26.53 -9.60
N ASP A 316 -13.95 26.77 -10.42
CA ASP A 316 -15.34 26.76 -9.97
C ASP A 316 -15.60 27.69 -8.78
N SER A 317 -15.64 29.00 -9.01
CA SER A 317 -16.07 29.92 -7.98
C SER A 317 -16.66 31.19 -8.59
N PRO A 318 -17.88 31.54 -8.19
CA PRO A 318 -18.50 32.79 -8.61
C PRO A 318 -17.67 33.97 -8.20
N CYS A 319 -17.01 33.82 -7.05
CA CYS A 319 -16.28 34.89 -6.42
C CYS A 319 -15.15 35.38 -7.30
N LEU A 320 -14.56 34.46 -8.05
CA LEU A 320 -13.20 34.66 -8.54
C LEU A 320 -13.04 34.40 -10.03
N PRO A 321 -12.15 35.16 -10.66
CA PRO A 321 -11.64 34.76 -11.98
C PRO A 321 -10.86 33.46 -11.83
N GLU A 322 -10.88 32.59 -12.82
CA GLU A 322 -9.97 31.47 -12.78
C GLU A 322 -8.55 31.96 -12.93
N ALA A 323 -7.64 31.42 -12.12
CA ALA A 323 -6.26 31.86 -12.12
C ALA A 323 -5.37 30.90 -11.35
N GLU A 324 -4.06 31.14 -11.39
CA GLU A 324 -3.17 30.35 -10.54
C GLU A 324 -2.01 31.18 -10.01
N ALA A 325 -1.44 30.71 -8.90
CA ALA A 325 -0.20 31.29 -8.40
C ALA A 325 0.50 30.37 -7.41
N MET A 326 1.79 30.61 -7.21
CA MET A 326 2.66 29.79 -6.36
C MET A 326 2.44 30.01 -4.87
N PHE A 327 2.75 29.01 -4.06
CA PHE A 327 2.92 29.24 -2.61
C PHE A 327 3.83 28.17 -2.01
N ALA A 328 4.61 28.56 -1.02
CA ALA A 328 5.60 27.67 -0.43
C ALA A 328 5.06 26.84 0.72
N ILE A 329 5.75 25.74 1.01
CA ILE A 329 5.41 24.91 2.15
C ILE A 329 6.56 24.97 3.15
N ASN A 330 6.58 26.02 3.96
CA ASN A 330 7.64 26.25 4.93
C ASN A 330 7.52 25.36 6.15
N ALA A 331 8.51 25.44 7.03
CA ALA A 331 8.48 24.71 8.28
C ALA A 331 7.27 25.16 9.09
N ASP A 332 6.84 26.39 8.86
CA ASP A 332 5.58 26.88 9.42
C ASP A 332 4.50 26.92 8.37
N GLY A 333 4.72 26.18 7.29
CA GLY A 333 3.68 25.98 6.31
C GLY A 333 3.44 27.09 5.32
N VAL A 334 2.16 27.24 4.97
CA VAL A 334 1.75 28.10 3.88
C VAL A 334 2.17 29.55 4.11
N GLY A 335 2.74 30.15 3.08
CA GLY A 335 3.32 31.48 3.18
C GLY A 335 3.86 31.90 1.83
N ASP A 336 5.14 32.23 1.79
CA ASP A 336 5.82 32.55 0.52
C ASP A 336 7.12 31.79 0.38
N PRO B 22 -5.53 -3.46 21.13
CA PRO B 22 -4.92 -4.67 21.68
C PRO B 22 -5.96 -5.52 22.39
N GLN B 23 -7.20 -5.05 22.38
CA GLN B 23 -8.22 -5.50 23.31
C GLN B 23 -9.19 -6.50 22.69
N PRO B 24 -9.23 -7.72 23.22
CA PRO B 24 -10.08 -8.82 22.76
C PRO B 24 -11.56 -8.54 22.94
N ILE B 25 -12.36 -9.09 22.05
CA ILE B 25 -13.78 -8.77 21.95
C ILE B 25 -14.57 -9.31 23.15
N SER B 26 -13.93 -10.13 23.98
CA SER B 26 -14.62 -10.70 25.13
C SER B 26 -15.12 -9.58 26.01
N ARG B 27 -14.38 -8.48 26.02
CA ARG B 27 -14.76 -7.27 26.75
C ARG B 27 -16.00 -6.65 26.10
N LEU B 28 -16.17 -6.88 24.81
CA LEU B 28 -17.43 -6.57 24.15
C LEU B 28 -18.39 -7.75 24.32
N GLU B 29 -17.83 -8.95 24.44
CA GLU B 29 -18.64 -10.12 24.72
C GLU B 29 -19.14 -9.97 26.16
N GLN B 30 -20.07 -9.05 26.31
CA GLN B 30 -20.50 -8.58 27.61
C GLN B 30 -21.79 -7.81 27.34
N CYS B 31 -22.55 -7.55 28.39
CA CYS B 31 -23.80 -6.81 28.29
C CYS B 31 -24.77 -7.48 27.30
N GLY B 32 -24.87 -8.80 27.42
CA GLY B 32 -25.97 -9.56 26.84
C GLY B 32 -25.84 -10.12 25.44
N ILE B 33 -24.80 -9.74 24.70
CA ILE B 33 -24.60 -10.31 23.37
C ILE B 33 -24.33 -11.82 23.43
N ASN B 34 -24.94 -12.58 22.54
CA ASN B 34 -24.60 -14.00 22.42
C ASN B 34 -23.15 -14.17 22.03
N ALA B 35 -22.47 -15.10 22.69
CA ALA B 35 -21.09 -15.40 22.37
C ALA B 35 -20.96 -15.96 20.96
N ASN B 36 -21.97 -16.73 20.57
CA ASN B 36 -21.91 -17.46 19.30
C ASN B 36 -21.72 -16.57 18.10
N ASP B 37 -22.56 -15.55 18.01
CA ASP B 37 -22.55 -14.70 16.83
C ASP B 37 -21.22 -13.97 16.75
N VAL B 38 -20.69 -13.61 17.90
CA VAL B 38 -19.39 -12.96 17.94
C VAL B 38 -18.32 -13.92 17.48
N LYS B 39 -18.52 -15.20 17.81
CA LYS B 39 -17.58 -16.21 17.38
C LYS B 39 -17.64 -16.32 15.87
N LYS B 40 -18.81 -16.06 15.30
CA LYS B 40 -18.94 -15.97 13.85
C LYS B 40 -18.19 -14.75 13.35
N LEU B 41 -18.20 -13.67 14.15
CA LEU B 41 -17.55 -12.44 13.76
C LEU B 41 -16.05 -12.63 13.68
N GLU B 42 -15.52 -13.49 14.54
CA GLU B 42 -14.10 -13.76 14.59
C GLU B 42 -13.65 -14.36 13.29
N GLU B 43 -14.55 -15.13 12.71
CA GLU B 43 -14.28 -15.83 11.46
C GLU B 43 -14.13 -14.87 10.28
N ALA B 44 -14.91 -13.79 10.31
CA ALA B 44 -14.87 -12.82 9.22
C ALA B 44 -13.54 -12.09 9.18
N GLY B 45 -12.90 -11.95 10.34
CA GLY B 45 -11.60 -11.33 10.42
C GLY B 45 -11.41 -10.59 11.72
N PHE B 46 -12.50 -10.08 12.28
CA PHE B 46 -12.41 -9.19 13.42
C PHE B 46 -11.92 -9.93 14.66
N HIS B 47 -11.14 -9.23 15.49
CA HIS B 47 -10.66 -9.81 16.75
C HIS B 47 -10.55 -8.78 17.84
N THR B 48 -10.24 -7.55 17.46
CA THR B 48 -10.15 -6.45 18.40
C THR B 48 -11.51 -5.88 18.79
N VAL B 49 -11.56 -5.26 19.97
CA VAL B 49 -12.69 -4.41 20.30
C VAL B 49 -12.75 -3.25 19.30
N GLU B 50 -11.58 -2.78 18.91
CA GLU B 50 -11.50 -1.68 17.99
C GLU B 50 -12.02 -2.05 16.62
N ALA B 51 -12.02 -3.34 16.30
CA ALA B 51 -12.49 -3.76 15.00
C ALA B 51 -13.90 -3.25 14.80
N VAL B 52 -14.79 -3.59 15.71
CA VAL B 52 -16.13 -3.06 15.63
C VAL B 52 -16.09 -1.57 15.92
N ALA B 53 -15.16 -1.14 16.76
CA ALA B 53 -15.07 0.30 17.00
C ALA B 53 -14.65 1.01 15.72
N TYR B 54 -13.98 0.27 14.84
CA TYR B 54 -13.58 0.81 13.55
C TYR B 54 -14.31 0.09 12.43
N ALA B 55 -15.39 -0.61 12.77
CA ALA B 55 -16.12 -1.35 11.75
C ALA B 55 -16.97 -0.45 10.88
N PRO B 56 -16.90 -0.66 9.56
CA PRO B 56 -17.98 -0.20 8.69
C PRO B 56 -19.25 -0.93 9.07
N LYS B 57 -20.38 -0.25 9.01
CA LYS B 57 -21.63 -0.82 9.50
C LYS B 57 -22.13 -1.95 8.62
N LYS B 58 -22.18 -1.66 7.32
CA LYS B 58 -22.74 -2.60 6.40
C LYS B 58 -21.93 -3.88 6.43
N GLU B 59 -20.61 -3.75 6.49
CA GLU B 59 -19.75 -4.91 6.33
C GLU B 59 -19.89 -5.84 7.50
N LEU B 60 -20.23 -5.28 8.66
CA LEU B 60 -20.47 -6.12 9.81
C LEU B 60 -21.83 -6.78 9.64
N ILE B 61 -22.77 -6.05 9.05
CA ILE B 61 -24.09 -6.61 8.79
C ILE B 61 -24.00 -7.75 7.77
N ASN B 62 -22.99 -7.69 6.92
CA ASN B 62 -22.89 -8.58 5.77
C ASN B 62 -22.46 -9.98 6.13
N ILE B 63 -21.95 -10.14 7.35
CA ILE B 63 -21.68 -11.47 7.86
C ILE B 63 -23.02 -12.16 8.06
N LYS B 64 -23.12 -13.42 7.63
CA LYS B 64 -24.37 -14.16 7.80
C LYS B 64 -24.53 -14.72 9.21
N GLY B 65 -25.77 -15.02 9.57
CA GLY B 65 -26.07 -15.42 10.92
C GLY B 65 -26.20 -14.21 11.82
N ILE B 66 -26.60 -13.09 11.22
CA ILE B 66 -26.78 -11.83 11.96
C ILE B 66 -28.13 -11.18 11.72
N SER B 67 -28.74 -10.67 12.79
CA SER B 67 -29.83 -9.71 12.66
C SER B 67 -29.23 -8.33 12.84
N GLU B 68 -29.72 -7.37 12.05
CA GLU B 68 -29.05 -6.09 11.94
C GLU B 68 -29.00 -5.37 13.29
N ALA B 69 -30.04 -5.56 14.09
CA ALA B 69 -30.11 -4.88 15.38
C ALA B 69 -28.98 -5.35 16.26
N LYS B 70 -28.58 -6.60 16.07
CA LYS B 70 -27.45 -7.13 16.80
C LYS B 70 -26.23 -6.34 16.42
N ALA B 71 -26.10 -6.01 15.15
CA ALA B 71 -24.96 -5.21 14.71
C ALA B 71 -25.03 -3.85 15.35
N ASP B 72 -26.26 -3.38 15.55
CA ASP B 72 -26.50 -2.06 16.08
C ASP B 72 -25.98 -2.01 17.51
N LYS B 73 -26.31 -3.04 18.28
CA LYS B 73 -25.92 -3.06 19.67
C LYS B 73 -24.46 -3.48 19.83
N ILE B 74 -23.93 -4.12 18.80
CA ILE B 74 -22.51 -4.40 18.78
C ILE B 74 -21.81 -3.07 18.66
N LEU B 75 -22.39 -2.16 17.89
CA LEU B 75 -21.87 -0.80 17.85
C LEU B 75 -22.08 -0.13 19.19
N ALA B 76 -23.16 -0.49 19.87
CA ALA B 76 -23.44 0.14 21.17
C ALA B 76 -22.33 -0.17 22.17
N GLU B 77 -22.01 -1.45 22.32
CA GLU B 77 -20.92 -1.83 23.20
C GLU B 77 -19.55 -1.39 22.69
N ALA B 78 -19.41 -1.31 21.37
CA ALA B 78 -18.14 -0.90 20.80
C ALA B 78 -17.86 0.55 21.19
N ALA B 79 -18.85 1.39 21.00
CA ALA B 79 -18.75 2.78 21.39
C ALA B 79 -18.58 2.83 22.90
N LYS B 80 -19.20 1.87 23.58
CA LYS B 80 -19.18 1.85 25.03
C LYS B 80 -17.78 1.62 25.57
N LEU B 81 -16.97 0.86 24.84
CA LEU B 81 -15.60 0.61 25.32
C LEU B 81 -14.53 1.31 24.51
N VAL B 82 -14.92 1.94 23.42
CA VAL B 82 -13.96 2.72 22.66
C VAL B 82 -14.50 4.08 22.29
N PRO B 83 -13.90 5.14 22.84
CA PRO B 83 -14.27 6.50 22.41
C PRO B 83 -13.94 6.69 20.95
N MET B 84 -14.80 7.39 20.21
CA MET B 84 -14.50 7.68 18.82
C MET B 84 -14.93 9.10 18.51
N GLY B 85 -15.28 9.83 19.55
CA GLY B 85 -15.73 11.20 19.40
C GLY B 85 -14.59 12.19 19.40
N PHE B 86 -14.93 13.47 19.45
CA PHE B 86 -13.93 14.52 19.49
C PHE B 86 -13.03 14.44 20.70
N THR B 87 -11.78 14.83 20.51
CA THR B 87 -10.83 14.99 21.59
C THR B 87 -9.97 16.24 21.39
N THR B 88 -9.42 16.72 22.49
CA THR B 88 -8.57 17.89 22.53
C THR B 88 -7.27 17.71 21.76
N ALA B 89 -6.80 18.78 21.11
CA ALA B 89 -5.55 18.70 20.37
C ALA B 89 -4.36 18.34 21.27
N THR B 90 -4.38 18.82 22.51
CA THR B 90 -3.26 18.59 23.41
C THR B 90 -3.08 17.12 23.67
N GLU B 91 -4.19 16.42 23.73
CA GLU B 91 -4.19 14.99 23.99
C GLU B 91 -3.52 14.20 22.89
N PHE B 92 -3.93 14.47 21.67
CA PHE B 92 -3.36 13.77 20.54
C PHE B 92 -1.90 14.15 20.44
N HIS B 93 -1.59 15.37 20.88
CA HIS B 93 -0.22 15.84 20.92
C HIS B 93 0.61 14.98 21.86
N GLN B 94 0.00 14.62 22.97
CA GLN B 94 0.63 13.70 23.91
C GLN B 94 0.77 12.32 23.30
N ARG B 95 -0.18 11.91 22.48
CA ARG B 95 0.00 10.64 21.80
C ARG B 95 1.14 10.71 20.81
N ARG B 96 1.37 11.88 20.23
CA ARG B 96 2.50 12.02 19.32
C ARG B 96 3.79 12.07 20.14
N SER B 97 3.69 12.36 21.43
CA SER B 97 4.82 12.04 22.30
C SER B 97 4.95 10.53 22.44
N GLU B 98 3.81 9.84 22.51
CA GLU B 98 3.81 8.42 22.84
C GLU B 98 4.43 7.51 21.79
N ILE B 99 4.42 7.91 20.52
CA ILE B 99 4.93 7.03 19.46
C ILE B 99 6.37 6.65 19.68
N ILE B 100 6.60 5.36 19.86
CA ILE B 100 7.93 4.85 20.14
C ILE B 100 8.83 5.04 18.93
N GLN B 101 8.21 4.99 17.76
CA GLN B 101 8.87 5.05 16.45
C GLN B 101 10.20 4.31 16.42
N ILE B 102 10.13 3.06 15.96
CA ILE B 102 11.30 2.19 15.93
C ILE B 102 12.43 2.71 15.05
N THR B 103 13.64 2.68 15.56
CA THR B 103 14.80 3.19 14.83
C THR B 103 15.27 2.27 13.73
N THR B 104 15.86 2.87 12.70
CA THR B 104 16.38 2.17 11.54
C THR B 104 17.56 1.25 11.85
N GLY B 105 18.23 1.53 12.96
CA GLY B 105 19.52 0.91 13.24
C GLY B 105 20.65 1.73 12.64
N SER B 106 20.28 2.82 11.98
CA SER B 106 21.24 3.80 11.50
C SER B 106 20.88 5.17 12.03
N LYS B 107 21.82 5.80 12.74
CA LYS B 107 21.51 7.02 13.47
C LYS B 107 21.08 8.15 12.56
N GLU B 108 21.60 8.19 11.34
CA GLU B 108 21.37 9.36 10.52
C GLU B 108 20.15 9.24 9.62
N LEU B 109 19.74 8.02 9.29
CA LEU B 109 18.37 7.88 8.79
C LEU B 109 17.41 8.20 9.90
N ASP B 110 17.79 7.87 11.12
CA ASP B 110 16.91 8.11 12.27
C ASP B 110 16.74 9.60 12.45
N LYS B 111 17.81 10.34 12.15
CA LYS B 111 17.76 11.79 12.20
C LYS B 111 17.00 12.33 11.00
N LEU B 112 17.04 11.61 9.88
CA LEU B 112 16.19 11.97 8.75
C LEU B 112 14.73 11.74 9.10
N LEU B 113 14.46 10.56 9.62
CA LEU B 113 13.11 10.14 9.92
C LEU B 113 12.63 10.72 11.23
N GLN B 114 13.54 11.42 11.91
CA GLN B 114 13.24 11.95 13.22
C GLN B 114 12.86 10.79 14.13
N GLY B 115 13.86 10.07 14.62
CA GLY B 115 13.60 9.00 15.58
C GLY B 115 13.10 7.73 14.95
N GLY B 116 13.24 7.63 13.63
CA GLY B 116 12.92 6.40 12.94
C GLY B 116 11.45 6.26 12.60
N ILE B 117 11.10 5.16 11.95
CA ILE B 117 9.74 4.94 11.48
C ILE B 117 8.74 4.91 12.60
N GLU B 118 7.63 5.62 12.45
CA GLU B 118 6.65 5.73 13.52
C GLU B 118 5.79 4.49 13.70
N THR B 119 5.39 4.29 14.95
CA THR B 119 4.47 3.22 15.31
C THR B 119 3.09 3.50 14.75
N GLY B 120 2.45 2.49 14.20
CA GLY B 120 1.08 2.65 13.75
C GLY B 120 0.88 3.41 12.46
N SER B 121 1.94 3.56 11.68
CA SER B 121 1.86 4.29 10.42
C SER B 121 2.21 3.40 9.23
N ILE B 122 2.41 4.03 8.08
CA ILE B 122 2.77 3.33 6.86
C ILE B 122 4.05 3.93 6.29
N THR B 123 4.83 3.11 5.59
CA THR B 123 6.08 3.56 5.01
C THR B 123 6.21 3.12 3.56
N GLU B 124 7.10 3.78 2.82
CA GLU B 124 7.28 3.47 1.41
C GLU B 124 8.75 3.38 0.99
N MET B 125 9.07 2.41 0.13
CA MET B 125 10.40 2.32 -0.44
C MET B 125 10.33 2.64 -1.92
N PHE B 126 11.04 3.69 -2.31
CA PHE B 126 11.13 4.05 -3.71
C PHE B 126 12.53 3.69 -4.17
N GLY B 127 12.62 2.85 -5.19
CA GLY B 127 13.91 2.43 -5.72
C GLY B 127 13.79 1.62 -7.00
N GLU B 128 14.89 1.51 -7.73
CA GLU B 128 14.94 0.75 -8.97
C GLU B 128 15.18 -0.73 -8.70
N PHE B 129 16.39 -1.04 -8.26
CA PHE B 129 16.75 -2.41 -7.95
C PHE B 129 18.09 -2.24 -7.32
N ARG B 130 18.63 -3.28 -6.69
CA ARG B 130 20.01 -3.21 -6.25
C ARG B 130 20.14 -2.16 -5.16
N THR B 131 19.02 -1.68 -4.65
CA THR B 131 19.01 -0.56 -3.72
C THR B 131 19.23 -0.99 -2.28
N GLY B 132 18.77 -2.18 -1.95
CA GLY B 132 18.81 -2.62 -0.57
C GLY B 132 17.59 -2.25 0.24
N LYS B 133 16.52 -1.84 -0.43
CA LYS B 133 15.30 -1.51 0.29
C LYS B 133 14.76 -2.72 1.06
N THR B 134 14.82 -3.89 0.45
CA THR B 134 14.42 -5.09 1.16
C THR B 134 15.42 -5.34 2.28
N GLN B 135 16.66 -4.94 2.05
CA GLN B 135 17.73 -5.11 3.02
C GLN B 135 17.41 -4.26 4.24
N ILE B 136 16.88 -3.08 3.97
CA ILE B 136 16.43 -2.20 5.02
C ILE B 136 15.37 -2.94 5.79
N CYS B 137 14.48 -3.57 5.05
CA CYS B 137 13.36 -4.22 5.70
C CYS B 137 13.81 -5.37 6.60
N HIS B 138 14.85 -6.10 6.23
CA HIS B 138 15.38 -7.12 7.12
C HIS B 138 15.98 -6.50 8.36
N THR B 139 16.77 -5.44 8.17
CA THR B 139 17.42 -4.82 9.31
C THR B 139 16.39 -4.29 10.29
N LEU B 140 15.28 -3.80 9.76
CA LEU B 140 14.21 -3.31 10.61
C LEU B 140 13.60 -4.48 11.34
N ALA B 141 13.41 -5.57 10.64
CA ALA B 141 12.79 -6.74 11.22
C ALA B 141 13.61 -7.26 12.39
N VAL B 142 14.92 -7.09 12.30
CA VAL B 142 15.77 -7.50 13.40
C VAL B 142 15.69 -6.50 14.54
N THR B 143 15.75 -5.22 14.20
CA THR B 143 15.84 -4.21 15.24
C THR B 143 14.56 -4.01 16.03
N CYS B 144 13.45 -4.51 15.50
CA CYS B 144 12.19 -4.33 16.22
C CYS B 144 12.21 -5.00 17.58
N GLN B 145 12.98 -6.07 17.71
CA GLN B 145 13.05 -6.78 18.98
C GLN B 145 13.72 -5.94 20.04
N LEU B 146 14.49 -4.95 19.60
CA LEU B 146 15.34 -4.21 20.51
C LEU B 146 14.53 -3.45 21.57
N PRO B 147 15.09 -3.36 22.78
CA PRO B 147 14.52 -2.55 23.84
C PRO B 147 14.54 -1.10 23.42
N ILE B 148 13.56 -0.34 23.90
CA ILE B 148 13.27 0.99 23.38
C ILE B 148 14.48 1.91 23.51
N ASP B 149 15.33 1.63 24.50
CA ASP B 149 16.55 2.41 24.68
C ASP B 149 17.49 2.23 23.50
N ARG B 150 17.37 1.08 22.84
CA ARG B 150 18.10 0.83 21.60
C ARG B 150 17.31 1.41 20.43
N GLY B 151 16.14 1.99 20.74
CA GLY B 151 15.28 2.53 19.70
C GLY B 151 14.30 1.55 19.09
N GLY B 152 14.24 0.35 19.64
CA GLY B 152 13.27 -0.63 19.19
C GLY B 152 11.90 -0.42 19.82
N GLY B 153 10.92 -1.19 19.35
CA GLY B 153 9.58 -1.11 19.91
C GLY B 153 9.25 -2.27 20.84
N GLU B 154 10.18 -3.20 20.94
CA GLU B 154 9.95 -4.48 21.61
C GLU B 154 8.63 -5.13 21.21
N GLY B 155 8.66 -5.81 20.07
CA GLY B 155 7.53 -6.58 19.61
C GLY B 155 7.96 -7.65 18.63
N LYS B 156 7.21 -8.77 18.55
CA LYS B 156 7.44 -9.81 17.58
C LYS B 156 7.15 -9.25 16.20
N ALA B 157 7.89 -9.70 15.20
CA ALA B 157 7.78 -9.15 13.86
C ALA B 157 7.33 -10.18 12.84
N MET B 158 6.34 -9.81 12.03
CA MET B 158 5.86 -10.68 10.97
C MET B 158 6.26 -10.08 9.63
N TYR B 159 6.94 -10.88 8.81
CA TYR B 159 7.43 -10.40 7.53
C TYR B 159 6.82 -11.20 6.38
N ILE B 160 6.27 -10.50 5.41
CA ILE B 160 5.69 -11.16 4.24
C ILE B 160 6.45 -10.77 2.99
N ASP B 161 6.93 -11.78 2.25
CA ASP B 161 7.68 -11.53 1.02
C ASP B 161 7.03 -12.23 -0.17
N THR B 162 6.93 -11.52 -1.28
CA THR B 162 6.34 -12.07 -2.49
C THR B 162 7.40 -12.66 -3.41
N GLU B 163 8.60 -12.07 -3.37
CA GLU B 163 9.70 -12.55 -4.19
C GLU B 163 10.54 -13.58 -3.44
N GLY B 164 10.24 -13.76 -2.16
CA GLY B 164 10.85 -14.84 -1.39
C GLY B 164 12.29 -14.58 -1.00
N THR B 165 12.72 -13.35 -1.16
CA THR B 165 14.11 -12.98 -0.95
C THR B 165 14.52 -13.11 0.51
N PHE B 166 13.52 -13.13 1.39
CA PHE B 166 13.70 -13.24 2.84
C PHE B 166 14.96 -13.96 3.25
N ARG B 167 15.72 -13.32 4.12
CA ARG B 167 17.08 -13.73 4.37
C ARG B 167 17.33 -13.89 5.85
N PRO B 168 16.96 -15.06 6.39
CA PRO B 168 17.15 -15.37 7.80
C PRO B 168 18.61 -15.25 8.16
N GLU B 169 19.47 -15.54 7.19
CA GLU B 169 20.89 -15.31 7.33
C GLU B 169 21.14 -13.88 7.80
N ARG B 170 20.50 -12.94 7.11
CA ARG B 170 20.65 -11.53 7.44
C ARG B 170 20.12 -11.24 8.83
N LEU B 171 19.09 -11.98 9.24
CA LEU B 171 18.54 -11.79 10.56
C LEU B 171 19.59 -12.17 11.58
N LEU B 172 20.28 -13.26 11.29
CA LEU B 172 21.37 -13.71 12.14
C LEU B 172 22.46 -12.66 12.11
N ALA B 173 22.58 -11.99 10.97
CA ALA B 173 23.64 -11.02 10.76
C ALA B 173 23.48 -9.79 11.64
N VAL B 174 22.30 -9.17 11.58
CA VAL B 174 22.07 -8.00 12.40
C VAL B 174 21.97 -8.42 13.87
N ALA B 175 21.63 -9.69 14.08
CA ALA B 175 21.70 -10.23 15.42
C ALA B 175 23.13 -10.17 15.93
N GLU B 176 24.06 -10.47 15.04
CA GLU B 176 25.48 -10.38 15.34
C GLU B 176 25.85 -8.92 15.54
N ARG B 177 25.13 -8.05 14.86
CA ARG B 177 25.34 -6.61 15.01
C ARG B 177 24.98 -6.16 16.42
N TYR B 178 24.03 -6.85 17.04
CA TYR B 178 23.55 -6.39 18.33
C TYR B 178 23.72 -7.40 19.47
N GLY B 179 23.89 -8.67 19.11
CA GLY B 179 24.25 -9.68 20.09
C GLY B 179 23.11 -10.44 20.73
N LEU B 180 21.88 -9.98 20.57
CA LEU B 180 20.74 -10.78 20.97
C LEU B 180 20.79 -12.02 20.10
N SER B 181 20.45 -13.16 20.66
CA SER B 181 20.65 -14.43 19.96
C SER B 181 19.84 -14.46 18.67
N GLY B 182 20.45 -15.03 17.62
CA GLY B 182 19.79 -15.10 16.33
C GLY B 182 18.59 -16.01 16.44
N SER B 183 18.66 -16.95 17.38
CA SER B 183 17.52 -17.80 17.68
C SER B 183 16.38 -16.96 18.21
N ASP B 184 16.67 -15.95 19.02
CA ASP B 184 15.64 -15.01 19.46
C ASP B 184 15.12 -14.16 18.33
N VAL B 185 15.99 -13.88 17.37
CA VAL B 185 15.55 -13.12 16.22
C VAL B 185 14.54 -13.94 15.45
N LEU B 186 14.77 -15.25 15.39
CA LEU B 186 13.89 -16.13 14.64
C LEU B 186 12.68 -16.50 15.49
N ASP B 187 12.74 -16.15 16.77
CA ASP B 187 11.59 -16.35 17.66
C ASP B 187 10.42 -15.48 17.19
N ASN B 188 10.74 -14.36 16.57
CA ASN B 188 9.73 -13.45 16.03
C ASN B 188 9.67 -13.53 14.51
N VAL B 189 9.53 -12.38 13.85
CA VAL B 189 9.51 -12.36 12.40
C VAL B 189 8.78 -13.61 11.92
N ALA B 190 7.54 -13.44 11.47
CA ALA B 190 6.78 -14.56 10.96
C ALA B 190 6.74 -14.41 9.45
N TYR B 191 7.21 -15.45 8.76
CA TYR B 191 7.30 -15.37 7.31
C TYR B 191 6.38 -16.37 6.63
N ALA B 192 5.50 -15.84 5.77
CA ALA B 192 4.68 -16.67 4.91
C ALA B 192 4.90 -16.19 3.49
N ARG B 193 5.19 -17.11 2.58
CA ARG B 193 5.33 -16.77 1.17
C ARG B 193 3.98 -16.58 0.49
N ALA B 194 3.77 -15.41 -0.11
CA ALA B 194 2.52 -15.11 -0.80
C ALA B 194 2.62 -15.40 -2.29
N PHE B 195 1.69 -14.86 -3.08
CA PHE B 195 1.71 -15.09 -4.51
C PHE B 195 0.58 -14.34 -5.22
N ASN B 196 -0.65 -14.58 -4.80
CA ASN B 196 -1.75 -13.80 -5.31
C ASN B 196 -1.84 -12.49 -4.58
N THR B 197 -2.41 -11.49 -5.24
CA THR B 197 -2.88 -10.35 -4.48
C THR B 197 -3.96 -10.89 -3.56
N ASP B 198 -4.69 -11.88 -4.06
CA ASP B 198 -5.77 -12.50 -3.32
C ASP B 198 -5.28 -13.21 -2.08
N HIS B 199 -4.08 -13.78 -2.15
CA HIS B 199 -3.52 -14.45 -1.01
C HIS B 199 -3.16 -13.44 0.08
N GLN B 200 -2.85 -12.22 -0.34
CA GLN B 200 -2.30 -11.25 0.59
C GLN B 200 -3.28 -10.98 1.70
N THR B 201 -4.52 -10.72 1.32
CA THR B 201 -5.54 -10.34 2.28
C THR B 201 -5.74 -11.48 3.25
N GLN B 202 -5.59 -12.70 2.74
CA GLN B 202 -5.76 -13.88 3.56
C GLN B 202 -4.67 -13.87 4.60
N LEU B 203 -3.47 -13.54 4.17
CA LEU B 203 -2.33 -13.44 5.07
C LEU B 203 -2.57 -12.33 6.07
N LEU B 204 -3.37 -11.35 5.69
CA LEU B 204 -3.64 -10.22 6.57
C LEU B 204 -4.57 -10.62 7.69
N TYR B 205 -5.64 -11.33 7.36
CA TYR B 205 -6.52 -11.76 8.42
C TYR B 205 -5.82 -12.77 9.31
N GLN B 206 -5.01 -13.62 8.69
CA GLN B 206 -4.25 -14.58 9.46
C GLN B 206 -3.36 -13.78 10.38
N ALA B 207 -2.88 -12.65 9.87
CA ALA B 207 -2.00 -11.81 10.63
C ALA B 207 -2.75 -11.31 11.84
N SER B 208 -4.01 -10.96 11.66
CA SER B 208 -4.80 -10.41 12.76
C SER B 208 -4.95 -11.41 13.88
N ALA B 209 -5.29 -12.64 13.49
CA ALA B 209 -5.47 -13.69 14.46
C ALA B 209 -4.16 -13.96 15.15
N MET B 210 -3.05 -13.80 14.42
CA MET B 210 -1.73 -13.92 15.00
C MET B 210 -1.48 -12.79 15.98
N MET B 211 -2.11 -11.65 15.73
CA MET B 211 -1.83 -10.45 16.51
C MET B 211 -2.41 -10.56 17.88
N VAL B 212 -3.72 -10.74 17.95
CA VAL B 212 -4.41 -10.56 19.23
C VAL B 212 -3.91 -11.58 20.25
N GLU B 213 -3.30 -12.64 19.75
CA GLU B 213 -2.55 -13.58 20.58
C GLU B 213 -1.48 -12.89 21.42
N SER B 214 -0.69 -12.04 20.77
CA SER B 214 0.41 -11.35 21.46
C SER B 214 0.89 -10.14 20.69
N ARG B 215 1.51 -9.19 21.38
CA ARG B 215 1.95 -7.94 20.77
C ARG B 215 2.97 -8.17 19.67
N TYR B 216 2.81 -7.44 18.58
CA TYR B 216 3.78 -7.41 17.52
C TYR B 216 4.28 -6.00 17.29
N ALA B 217 5.47 -5.88 16.71
CA ALA B 217 6.04 -4.58 16.44
C ALA B 217 5.70 -4.10 15.05
N LEU B 218 6.07 -4.90 14.06
CA LEU B 218 6.10 -4.42 12.70
C LEU B 218 5.59 -5.40 11.67
N LEU B 219 4.73 -4.91 10.78
CA LEU B 219 4.43 -5.57 9.53
C LEU B 219 5.38 -5.11 8.45
N ILE B 220 5.89 -6.05 7.67
CA ILE B 220 6.73 -5.70 6.55
C ILE B 220 6.22 -6.36 5.31
N VAL B 221 6.15 -5.60 4.22
CA VAL B 221 5.85 -6.17 2.92
C VAL B 221 6.76 -5.52 1.89
N ASP B 222 7.79 -6.23 1.46
CA ASP B 222 8.75 -5.68 0.52
C ASP B 222 8.10 -5.39 -0.83
N SER B 223 7.04 -6.11 -1.11
CA SER B 223 6.55 -6.17 -2.46
C SER B 223 5.03 -6.12 -2.54
N ALA B 224 4.42 -5.24 -1.75
CA ALA B 224 2.98 -5.09 -1.71
C ALA B 224 2.43 -4.68 -3.06
N THR B 225 3.27 -4.02 -3.85
CA THR B 225 2.90 -3.61 -5.18
C THR B 225 3.06 -4.73 -6.21
N ALA B 226 4.01 -5.61 -5.95
CA ALA B 226 4.60 -6.44 -7.00
C ALA B 226 3.61 -7.34 -7.73
N LEU B 227 2.72 -7.94 -6.97
CA LEU B 227 1.83 -8.94 -7.52
C LEU B 227 0.81 -8.35 -8.48
N TYR B 228 0.46 -7.08 -8.26
CA TYR B 228 -0.56 -6.41 -9.06
C TYR B 228 -0.18 -6.16 -10.52
N ARG B 229 1.10 -5.95 -10.79
CA ARG B 229 1.53 -5.82 -12.17
C ARG B 229 1.26 -7.10 -12.93
N THR B 230 1.22 -8.21 -12.21
CA THR B 230 1.25 -9.51 -12.83
C THR B 230 -0.09 -10.20 -12.89
N ASP B 231 -0.81 -10.23 -11.78
CA ASP B 231 -2.14 -10.82 -11.79
C ASP B 231 -3.03 -10.01 -12.71
N TYR B 232 -2.74 -8.71 -12.79
CA TYR B 232 -3.47 -7.83 -13.69
C TYR B 232 -2.59 -7.41 -14.85
N SER B 233 -2.89 -7.93 -16.04
CA SER B 233 -2.16 -7.55 -17.23
C SER B 233 -2.98 -6.58 -18.06
N GLY B 234 -2.41 -5.41 -18.31
CA GLY B 234 -3.19 -4.24 -18.73
C GLY B 234 -3.92 -4.33 -20.06
N ARG B 235 -4.99 -3.55 -20.16
CA ARG B 235 -5.40 -2.67 -19.07
C ARG B 235 -6.91 -2.61 -18.93
N GLY B 236 -7.37 -2.45 -17.70
CA GLY B 236 -8.79 -2.30 -17.44
C GLY B 236 -9.52 -3.62 -17.31
N GLU B 237 -9.40 -4.35 -16.20
CA GLU B 237 -8.47 -4.18 -15.08
C GLU B 237 -8.26 -2.76 -14.54
N LEU B 238 -7.02 -2.27 -14.61
CA LEU B 238 -6.68 -0.91 -14.15
C LEU B 238 -7.37 -0.54 -12.87
N SER B 239 -8.61 -0.10 -13.03
CA SER B 239 -9.47 0.19 -11.91
C SER B 239 -9.51 -1.00 -10.98
N ALA B 240 -9.75 -2.16 -11.56
CA ALA B 240 -9.90 -3.35 -10.75
C ALA B 240 -8.61 -3.57 -9.99
N ARG B 241 -7.49 -3.28 -10.64
CA ARG B 241 -6.22 -3.49 -9.97
C ARG B 241 -6.18 -2.59 -8.77
N GLN B 242 -6.46 -1.32 -9.01
CA GLN B 242 -6.44 -0.34 -7.96
C GLN B 242 -7.46 -0.72 -6.92
N MET B 243 -8.56 -1.26 -7.40
CA MET B 243 -9.68 -1.55 -6.55
C MET B 243 -9.28 -2.52 -5.47
N HIS B 244 -8.30 -3.35 -5.77
CA HIS B 244 -7.91 -4.32 -4.79
C HIS B 244 -6.95 -3.72 -3.79
N LEU B 245 -6.05 -2.85 -4.25
CA LEU B 245 -5.11 -2.24 -3.34
C LEU B 245 -5.81 -1.44 -2.28
N ALA B 246 -6.94 -0.84 -2.65
CA ALA B 246 -7.72 -0.12 -1.66
C ALA B 246 -8.06 -1.10 -0.57
N ARG B 247 -8.70 -2.20 -0.97
CA ARG B 247 -9.12 -3.22 -0.04
C ARG B 247 -7.90 -3.76 0.68
N PHE B 248 -6.77 -3.71 0.00
CA PHE B 248 -5.56 -4.16 0.63
C PHE B 248 -5.09 -3.09 1.59
N LEU B 249 -4.81 -1.91 1.06
CA LEU B 249 -4.08 -0.92 1.83
C LEU B 249 -4.84 -0.51 3.05
N ARG B 250 -6.16 -0.45 2.90
CA ARG B 250 -7.00 -0.04 3.99
C ARG B 250 -6.81 -0.94 5.18
N MET B 251 -6.72 -2.23 4.90
CA MET B 251 -6.62 -3.18 5.99
C MET B 251 -5.34 -2.94 6.74
N LEU B 252 -4.31 -2.53 6.03
CA LEU B 252 -3.02 -2.34 6.66
C LEU B 252 -3.19 -1.27 7.71
N LEU B 253 -3.93 -0.24 7.36
CA LEU B 253 -4.13 0.88 8.26
C LEU B 253 -4.77 0.35 9.51
N ARG B 254 -5.78 -0.49 9.31
CA ARG B 254 -6.58 -0.95 10.43
C ARG B 254 -5.71 -1.71 11.39
N LEU B 255 -4.73 -2.42 10.84
CA LEU B 255 -3.88 -3.22 11.68
C LEU B 255 -3.09 -2.28 12.56
N ALA B 256 -2.52 -1.27 11.92
CA ALA B 256 -1.75 -0.26 12.63
C ALA B 256 -2.67 0.51 13.56
N ASP B 257 -3.95 0.53 13.21
CA ASP B 257 -4.90 1.28 13.99
C ASP B 257 -5.35 0.51 15.22
N GLU B 258 -4.95 -0.74 15.31
CA GLU B 258 -5.44 -1.58 16.41
C GLU B 258 -4.33 -2.18 17.25
N PHE B 259 -3.09 -1.83 16.94
CA PHE B 259 -1.98 -2.44 17.63
C PHE B 259 -0.83 -1.46 17.73
N GLY B 260 -0.85 -0.45 16.86
CA GLY B 260 0.22 0.50 16.81
C GLY B 260 1.34 -0.08 15.98
N VAL B 261 1.10 -1.25 15.41
CA VAL B 261 2.11 -1.92 14.63
C VAL B 261 2.54 -1.04 13.47
N ALA B 262 3.84 -0.91 13.28
CA ALA B 262 4.34 -0.10 12.19
C ALA B 262 4.16 -0.86 10.90
N VAL B 263 4.06 -0.15 9.79
CA VAL B 263 3.83 -0.78 8.49
C VAL B 263 4.81 -0.30 7.44
N VAL B 264 5.50 -1.24 6.80
CA VAL B 264 6.47 -0.91 5.77
C VAL B 264 6.04 -1.45 4.40
N ILE B 265 5.98 -0.57 3.41
CA ILE B 265 5.65 -0.95 2.05
C ILE B 265 6.82 -0.70 1.11
N THR B 266 7.14 -1.71 0.31
CA THR B 266 8.20 -1.59 -0.67
C THR B 266 7.57 -1.62 -2.06
N ASN B 267 7.89 -0.61 -2.87
CA ASN B 267 7.30 -0.49 -4.19
C ASN B 267 8.33 -0.58 -5.32
N GLN B 268 8.04 -1.45 -6.29
CA GLN B 268 8.85 -1.50 -7.50
C GLN B 268 8.47 -0.30 -8.34
N VAL B 269 9.47 0.37 -8.91
CA VAL B 269 9.21 1.61 -9.64
C VAL B 269 9.35 1.48 -11.15
N VAL B 270 8.25 1.74 -11.85
CA VAL B 270 8.25 1.79 -13.31
C VAL B 270 9.30 2.75 -13.82
N ALA B 271 9.75 2.53 -15.04
CA ALA B 271 10.42 3.61 -15.73
C ALA B 271 9.34 4.59 -16.12
N GLN B 272 9.66 5.88 -16.07
CA GLN B 272 8.77 6.89 -16.58
C GLN B 272 9.21 7.25 -18.00
N VAL B 273 8.25 7.41 -18.89
CA VAL B 273 8.55 7.76 -20.28
C VAL B 273 7.65 8.89 -20.71
N ASP B 274 8.18 9.77 -21.54
CA ASP B 274 7.47 10.98 -21.92
C ASP B 274 8.21 11.76 -22.99
N GLY B 275 9.14 12.59 -22.56
CA GLY B 275 9.95 13.40 -23.46
C GLY B 275 10.92 14.30 -22.70
N PRO B 283 13.82 9.25 -15.27
CA PRO B 283 12.77 9.44 -14.28
C PRO B 283 12.30 8.12 -13.70
N LYS B 284 11.43 8.16 -12.70
CA LYS B 284 11.01 6.95 -12.02
C LYS B 284 9.51 6.79 -11.92
N LYS B 285 8.93 7.40 -10.90
CA LYS B 285 7.51 7.28 -10.54
C LYS B 285 7.18 5.95 -9.88
N PRO B 286 6.57 6.02 -8.70
CA PRO B 286 6.17 4.81 -7.97
C PRO B 286 4.97 4.13 -8.64
N ILE B 287 4.90 2.81 -8.55
CA ILE B 287 3.80 2.07 -9.16
C ILE B 287 2.60 1.98 -8.23
N GLY B 288 1.46 1.60 -8.80
CA GLY B 288 0.24 1.48 -8.02
C GLY B 288 -0.52 2.78 -8.09
N GLY B 289 0.10 3.77 -8.73
CA GLY B 289 -0.61 5.00 -9.05
C GLY B 289 -1.02 5.77 -7.82
N ASN B 290 -2.00 6.64 -8.00
CA ASN B 290 -2.39 7.57 -6.95
C ASN B 290 -2.88 6.89 -5.70
N ILE B 291 -3.59 5.79 -5.87
CA ILE B 291 -4.32 5.20 -4.75
C ILE B 291 -3.38 4.71 -3.68
N ILE B 292 -2.21 4.24 -4.08
CA ILE B 292 -1.16 4.03 -3.10
C ILE B 292 -0.67 5.34 -2.52
N ALA B 293 -0.57 6.36 -3.37
CA ALA B 293 0.06 7.60 -2.97
C ALA B 293 -0.73 8.32 -1.89
N HIS B 294 -2.05 8.17 -1.91
CA HIS B 294 -2.85 8.83 -0.91
C HIS B 294 -2.74 8.17 0.44
N ALA B 295 -2.78 6.84 0.47
CA ALA B 295 -2.62 6.14 1.72
C ALA B 295 -1.23 6.38 2.26
N SER B 296 -0.31 6.65 1.35
CA SER B 296 1.10 6.81 1.71
C SER B 296 1.28 7.90 2.74
N THR B 297 1.33 7.50 4.00
CA THR B 297 1.57 8.44 5.07
C THR B 297 2.96 9.03 4.95
N THR B 298 3.90 8.24 4.43
CA THR B 298 5.28 8.69 4.20
C THR B 298 5.89 8.01 2.99
N ARG B 299 7.01 8.54 2.51
CA ARG B 299 7.69 8.02 1.34
C ARG B 299 9.21 8.16 1.43
N LEU B 300 9.92 7.19 0.90
CA LEU B 300 11.38 7.22 0.90
C LEU B 300 11.97 6.82 -0.44
N TYR B 301 12.36 7.82 -1.23
CA TYR B 301 12.93 7.56 -2.54
C TYR B 301 14.42 7.29 -2.45
N LEU B 302 14.78 6.06 -2.78
CA LEU B 302 16.14 5.59 -2.63
C LEU B 302 16.90 5.67 -3.94
N ARG B 303 18.22 5.73 -3.86
CA ARG B 303 19.05 5.77 -5.04
C ARG B 303 20.38 5.10 -4.78
N LYS B 304 21.12 4.82 -5.84
CA LYS B 304 22.42 4.21 -5.68
C LYS B 304 23.53 5.18 -6.00
N GLY B 305 24.42 5.39 -5.04
CA GLY B 305 25.67 6.08 -5.26
C GLY B 305 26.73 5.02 -5.47
N ARG B 306 27.99 5.35 -5.22
CA ARG B 306 29.03 4.33 -5.22
C ARG B 306 28.97 3.44 -3.97
N GLY B 307 29.45 2.21 -4.11
CA GLY B 307 29.66 1.33 -2.98
C GLY B 307 28.38 0.91 -2.29
N GLU B 308 28.49 0.52 -1.02
CA GLU B 308 27.34 0.17 -0.22
C GLU B 308 26.46 1.40 -0.01
N THR B 309 27.09 2.57 -0.02
CA THR B 309 26.40 3.82 0.28
C THR B 309 25.31 4.10 -0.73
N ARG B 310 24.13 4.48 -0.23
CA ARG B 310 22.97 4.73 -1.06
C ARG B 310 22.29 5.98 -0.57
N ILE B 311 21.56 6.65 -1.46
CA ILE B 311 21.01 7.96 -1.16
C ILE B 311 19.55 7.88 -0.77
N CYS B 312 19.15 8.57 0.29
CA CYS B 312 17.77 8.47 0.74
C CYS B 312 17.07 9.83 0.82
N GLN B 313 16.17 10.09 -0.11
CA GLN B 313 15.42 11.34 -0.12
C GLN B 313 13.98 11.12 0.32
N ILE B 314 13.53 11.90 1.31
CA ILE B 314 12.17 11.80 1.80
C ILE B 314 11.14 12.44 0.86
N TYR B 315 9.96 11.81 0.75
CA TYR B 315 8.80 12.47 0.17
C TYR B 315 7.54 12.30 1.02
N ASP B 316 6.64 13.27 0.91
CA ASP B 316 5.28 13.13 1.41
C ASP B 316 5.20 12.72 2.88
N SER B 317 5.48 13.64 3.79
CA SER B 317 5.25 13.39 5.21
C SER B 317 5.01 14.67 5.96
N PRO B 318 3.90 14.74 6.69
CA PRO B 318 3.61 15.88 7.56
C PRO B 318 4.69 16.06 8.60
N CYS B 319 5.25 14.93 9.01
CA CYS B 319 6.19 14.87 10.11
C CYS B 319 7.45 15.68 9.80
N LEU B 320 7.82 15.69 8.52
CA LEU B 320 9.20 15.97 8.16
C LEU B 320 9.36 17.01 7.07
N PRO B 321 10.43 17.80 7.15
CA PRO B 321 10.86 18.56 5.98
C PRO B 321 11.29 17.60 4.90
N GLU B 322 11.10 17.94 3.64
CA GLU B 322 11.72 17.13 2.59
C GLU B 322 13.23 17.28 2.65
N ALA B 323 13.94 16.17 2.52
CA ALA B 323 15.39 16.17 2.64
C ALA B 323 15.99 14.87 2.15
N GLU B 324 17.32 14.81 2.08
CA GLU B 324 17.96 13.54 1.79
C GLU B 324 19.27 13.36 2.55
N ALA B 325 19.67 12.11 2.72
CA ALA B 325 21.00 11.81 3.26
C ALA B 325 21.42 10.37 2.96
N MET B 326 22.71 10.13 3.05
CA MET B 326 23.33 8.84 2.72
C MET B 326 23.11 7.78 3.80
N PHE B 327 23.15 6.51 3.41
CA PHE B 327 23.32 5.43 4.39
C PHE B 327 23.91 4.20 3.73
N ALA B 328 24.72 3.47 4.47
CA ALA B 328 25.46 2.33 3.92
C ALA B 328 24.69 1.02 4.01
N ILE B 329 25.08 0.07 3.19
CA ILE B 329 24.52 -1.27 3.24
C ILE B 329 25.60 -2.25 3.66
N ASN B 330 25.84 -2.33 4.96
CA ASN B 330 26.90 -3.17 5.53
C ASN B 330 26.53 -4.65 5.53
N ALA B 331 27.47 -5.48 5.93
CA ALA B 331 27.22 -6.90 6.07
C ALA B 331 26.13 -7.12 7.11
N ASP B 332 26.01 -6.18 8.04
CA ASP B 332 24.90 -6.16 8.97
C ASP B 332 23.89 -5.09 8.58
N GLY B 333 23.96 -4.66 7.33
CA GLY B 333 22.94 -3.78 6.78
C GLY B 333 23.01 -2.32 7.15
N VAL B 334 21.83 -1.74 7.30
CA VAL B 334 21.67 -0.31 7.43
C VAL B 334 22.42 0.23 8.64
N GLY B 335 23.15 1.31 8.43
CA GLY B 335 24.03 1.87 9.44
C GLY B 335 24.70 3.11 8.91
N ASP B 336 26.03 3.11 8.92
CA ASP B 336 26.80 4.21 8.33
C ASP B 336 27.89 3.68 7.40
N PRO C 22 5.58 -30.82 -6.29
CA PRO C 22 5.84 -32.03 -7.05
C PRO C 22 4.60 -32.90 -7.13
N GLN C 23 3.53 -32.42 -6.53
CA GLN C 23 2.37 -33.24 -6.18
C GLN C 23 1.22 -33.11 -7.15
N PRO C 24 0.86 -34.21 -7.82
CA PRO C 24 -0.22 -34.30 -8.81
C PRO C 24 -1.59 -34.02 -8.22
N ILE C 25 -2.47 -33.45 -9.02
CA ILE C 25 -3.76 -32.94 -8.57
C ILE C 25 -4.71 -34.08 -8.17
N SER C 26 -4.32 -35.32 -8.46
CA SER C 26 -5.19 -36.45 -8.12
C SER C 26 -5.43 -36.47 -6.62
N ARG C 27 -4.44 -36.00 -5.88
CA ARG C 27 -4.54 -35.87 -4.43
C ARG C 27 -5.55 -34.78 -4.08
N LEU C 28 -5.73 -33.82 -4.99
CA LEU C 28 -6.84 -32.88 -4.89
C LEU C 28 -8.06 -33.49 -5.56
N GLU C 29 -7.82 -34.36 -6.54
CA GLU C 29 -8.92 -35.08 -7.17
C GLU C 29 -9.42 -36.08 -6.14
N GLN C 30 -10.10 -35.54 -5.14
CA GLN C 30 -10.46 -36.26 -3.95
C GLN C 30 -11.50 -35.40 -3.26
N CYS C 31 -12.21 -35.97 -2.30
CA CYS C 31 -13.24 -35.25 -1.55
C CYS C 31 -14.29 -34.65 -2.47
N GLY C 32 -14.73 -35.46 -3.45
CA GLY C 32 -15.95 -35.20 -4.18
C GLY C 32 -15.91 -34.39 -5.46
N ILE C 33 -14.77 -33.76 -5.78
CA ILE C 33 -14.67 -33.03 -7.02
C ILE C 33 -14.79 -33.96 -8.25
N ASN C 34 -15.53 -33.54 -9.26
CA ASN C 34 -15.55 -34.27 -10.52
C ASN C 34 -14.17 -34.31 -11.14
N ALA C 35 -13.78 -35.49 -11.63
CA ALA C 35 -12.49 -35.63 -12.29
C ALA C 35 -12.45 -34.82 -13.57
N ASN C 36 -13.60 -34.73 -14.24
CA ASN C 36 -13.68 -34.12 -15.56
C ASN C 36 -13.22 -32.68 -15.58
N ASP C 37 -13.77 -31.90 -14.67
CA ASP C 37 -13.50 -30.48 -14.67
C ASP C 37 -12.04 -30.24 -14.38
N VAL C 38 -11.48 -31.08 -13.52
CA VAL C 38 -10.06 -30.98 -13.20
C VAL C 38 -9.25 -31.32 -14.44
N LYS C 39 -9.77 -32.26 -15.22
CA LYS C 39 -9.09 -32.63 -16.46
C LYS C 39 -9.10 -31.45 -17.40
N LYS C 40 -10.16 -30.64 -17.31
CA LYS C 40 -10.19 -29.38 -18.04
C LYS C 40 -9.15 -28.43 -17.49
N LEU C 41 -8.92 -28.49 -16.18
CA LEU C 41 -7.97 -27.60 -15.54
C LEU C 41 -6.56 -27.91 -16.00
N GLU C 42 -6.31 -29.19 -16.29
CA GLU C 42 -5.00 -29.62 -16.72
C GLU C 42 -4.66 -28.97 -18.03
N GLU C 43 -5.69 -28.76 -18.84
CA GLU C 43 -5.56 -28.18 -20.15
C GLU C 43 -5.12 -26.72 -20.10
N ALA C 44 -5.60 -26.00 -19.09
CA ALA C 44 -5.28 -24.59 -18.94
C ALA C 44 -3.80 -24.39 -18.62
N GLY C 45 -3.22 -25.37 -17.95
CA GLY C 45 -1.80 -25.33 -17.65
C GLY C 45 -1.48 -26.02 -16.34
N PHE C 46 -2.43 -26.00 -15.42
CA PHE C 46 -2.17 -26.46 -14.06
C PHE C 46 -1.93 -27.96 -14.03
N HIS C 47 -1.04 -28.39 -13.14
CA HIS C 47 -0.78 -29.82 -12.96
C HIS C 47 -0.46 -30.17 -11.52
N THR C 48 0.16 -29.23 -10.82
CA THR C 48 0.49 -29.41 -9.42
C THR C 48 -0.70 -29.17 -8.49
N VAL C 49 -0.67 -29.79 -7.32
CA VAL C 49 -1.55 -29.39 -6.24
C VAL C 49 -1.28 -27.93 -5.89
N GLU C 50 -0.01 -27.57 -5.94
CA GLU C 50 0.38 -26.21 -5.60
C GLU C 50 -0.16 -25.21 -6.61
N ALA C 51 -0.47 -25.66 -7.82
CA ALA C 51 -0.97 -24.74 -8.82
C ALA C 51 -2.20 -24.04 -8.27
N VAL C 52 -3.18 -24.82 -7.86
CA VAL C 52 -4.34 -24.23 -7.23
C VAL C 52 -3.95 -23.65 -5.88
N ALA C 53 -2.97 -24.27 -5.22
CA ALA C 53 -2.53 -23.68 -3.97
C ALA C 53 -1.90 -22.33 -4.21
N TYR C 54 -1.39 -22.13 -5.43
CA TYR C 54 -0.82 -20.85 -5.81
C TYR C 54 -1.66 -20.21 -6.91
N ALA C 55 -2.90 -20.67 -7.07
CA ALA C 55 -3.74 -20.11 -8.11
C ALA C 55 -4.30 -18.76 -7.74
N PRO C 56 -4.23 -17.81 -8.68
CA PRO C 56 -5.12 -16.67 -8.62
C PRO C 56 -6.55 -17.16 -8.77
N LYS C 57 -7.47 -16.53 -8.05
CA LYS C 57 -8.84 -17.02 -7.99
C LYS C 57 -9.57 -16.84 -9.31
N LYS C 58 -9.49 -15.60 -9.82
CA LYS C 58 -10.22 -15.27 -11.01
C LYS C 58 -9.76 -16.14 -12.15
N GLU C 59 -8.45 -16.36 -12.25
CA GLU C 59 -7.90 -17.01 -13.43
C GLU C 59 -8.32 -18.46 -13.46
N LEU C 60 -8.56 -19.03 -12.29
CA LEU C 60 -9.06 -20.39 -12.25
C LEU C 60 -10.53 -20.37 -12.63
N ILE C 61 -11.23 -19.33 -12.22
CA ILE C 61 -12.63 -19.19 -12.58
C ILE C 61 -12.80 -18.99 -14.09
N ASN C 62 -11.77 -18.44 -14.72
CA ASN C 62 -11.83 -18.01 -16.11
C ASN C 62 -11.79 -19.16 -17.09
N ILE C 63 -11.38 -20.33 -16.62
CA ILE C 63 -11.48 -21.53 -17.42
C ILE C 63 -12.96 -21.84 -17.62
N LYS C 64 -13.35 -22.16 -18.85
CA LYS C 64 -14.74 -22.48 -19.12
C LYS C 64 -15.09 -23.90 -18.72
N GLY C 65 -16.39 -24.14 -18.53
CA GLY C 65 -16.84 -25.42 -18.01
C GLY C 65 -16.69 -25.46 -16.51
N ILE C 66 -16.78 -24.29 -15.89
CA ILE C 66 -16.66 -24.18 -14.43
C ILE C 66 -17.81 -23.38 -13.80
N SER C 67 -18.32 -23.86 -12.67
CA SER C 67 -19.12 -23.04 -11.78
C SER C 67 -18.22 -22.51 -10.69
N GLU C 68 -18.41 -21.27 -10.30
CA GLU C 68 -17.45 -20.60 -9.45
C GLU C 68 -17.27 -21.30 -8.12
N ALA C 69 -18.35 -21.88 -7.60
CA ALA C 69 -18.31 -22.55 -6.32
C ALA C 69 -17.37 -23.72 -6.39
N LYS C 70 -17.28 -24.32 -7.57
CA LYS C 70 -16.35 -25.42 -7.76
C LYS C 70 -14.96 -24.89 -7.58
N ALA C 71 -14.70 -23.69 -8.07
CA ALA C 71 -13.39 -23.09 -7.90
C ALA C 71 -13.14 -22.85 -6.43
N ASP C 72 -14.22 -22.55 -5.72
CA ASP C 72 -14.14 -22.20 -4.31
C ASP C 72 -13.68 -23.43 -3.55
N LYS C 73 -14.29 -24.56 -3.86
CA LYS C 73 -13.98 -25.79 -3.15
C LYS C 73 -12.70 -26.40 -3.66
N ILE C 74 -12.28 -26.01 -4.85
CA ILE C 74 -10.99 -26.40 -5.35
C ILE C 74 -9.96 -25.70 -4.48
N LEU C 75 -10.27 -24.47 -4.10
CA LEU C 75 -9.43 -23.79 -3.13
C LEU C 75 -9.52 -24.47 -1.78
N ALA C 76 -10.68 -25.03 -1.47
CA ALA C 76 -10.85 -25.68 -0.18
C ALA C 76 -9.90 -26.87 -0.05
N GLU C 77 -9.91 -27.75 -1.05
CA GLU C 77 -8.99 -28.88 -1.03
C GLU C 77 -7.53 -28.46 -1.22
N ALA C 78 -7.32 -27.37 -1.95
CA ALA C 78 -5.96 -26.89 -2.17
C ALA C 78 -5.34 -26.47 -0.85
N ALA C 79 -6.10 -25.68 -0.11
CA ALA C 79 -5.67 -25.26 1.21
C ALA C 79 -5.56 -26.48 2.09
N LYS C 80 -6.43 -27.46 1.83
CA LYS C 80 -6.47 -28.66 2.65
C LYS C 80 -5.19 -29.47 2.51
N LEU C 81 -4.57 -29.44 1.35
CA LEU C 81 -3.33 -30.21 1.18
C LEU C 81 -2.09 -29.36 1.07
N VAL C 82 -2.25 -28.04 1.02
CA VAL C 82 -1.10 -27.16 1.02
C VAL C 82 -1.27 -26.02 2.01
N PRO C 83 -0.45 -25.99 3.06
CA PRO C 83 -0.45 -24.83 3.95
C PRO C 83 -0.01 -23.59 3.21
N MET C 84 -0.64 -22.45 3.50
CA MET C 84 -0.22 -21.20 2.87
C MET C 84 -0.27 -20.11 3.89
N GLY C 85 -0.47 -20.49 5.14
CA GLY C 85 -0.56 -19.54 6.23
C GLY C 85 0.80 -19.19 6.82
N PHE C 86 0.78 -18.47 7.93
CA PHE C 86 2.01 -18.10 8.61
C PHE C 86 2.81 -19.29 9.07
N THR C 87 4.13 -19.14 9.04
CA THR C 87 5.03 -20.09 9.64
C THR C 87 6.18 -19.41 10.36
N THR C 88 6.79 -20.14 11.28
CA THR C 88 7.90 -19.67 12.08
C THR C 88 9.15 -19.37 11.26
N ALA C 89 9.89 -18.33 11.65
CA ALA C 89 11.12 -18.00 10.93
C ALA C 89 12.14 -19.14 10.96
N THR C 90 12.18 -19.89 12.05
CA THR C 90 13.18 -20.95 12.19
C THR C 90 12.97 -22.01 11.14
N GLU C 91 11.71 -22.24 10.80
CA GLU C 91 11.34 -23.24 9.82
C GLU C 91 11.86 -22.89 8.44
N PHE C 92 11.57 -21.68 8.02
CA PHE C 92 12.00 -21.25 6.71
C PHE C 92 13.52 -21.20 6.70
N HIS C 93 14.10 -20.96 7.86
CA HIS C 93 15.54 -20.98 8.01
C HIS C 93 16.08 -22.36 7.72
N GLN C 94 15.36 -23.36 8.19
CA GLN C 94 15.69 -24.74 7.89
C GLN C 94 15.52 -25.03 6.40
N ARG C 95 14.53 -24.41 5.78
CA ARG C 95 14.41 -24.59 4.34
C ARG C 95 15.59 -23.94 3.62
N ARG C 96 16.12 -22.87 4.17
CA ARG C 96 17.29 -22.25 3.56
C ARG C 96 18.51 -23.12 3.84
N SER C 97 18.43 -24.00 4.83
CA SER C 97 19.40 -25.08 4.88
C SER C 97 19.15 -26.06 3.73
N GLU C 98 17.88 -26.28 3.42
CA GLU C 98 17.51 -27.33 2.48
C GLU C 98 17.92 -27.10 1.04
N ILE C 99 18.07 -25.83 0.63
CA ILE C 99 18.38 -25.53 -0.77
C ILE C 99 19.68 -26.18 -1.20
N ILE C 100 19.57 -27.08 -2.18
CA ILE C 100 20.72 -27.83 -2.67
C ILE C 100 21.68 -26.89 -3.36
N GLN C 101 21.12 -25.85 -3.97
CA GLN C 101 21.84 -24.88 -4.80
C GLN C 101 22.94 -25.49 -5.65
N ILE C 102 22.59 -25.80 -6.89
CA ILE C 102 23.50 -26.46 -7.82
C ILE C 102 24.74 -25.64 -8.11
N THR C 103 25.90 -26.30 -8.05
CA THR C 103 27.17 -25.62 -8.27
C THR C 103 27.45 -25.32 -9.74
N THR C 104 28.21 -24.25 -9.95
CA THR C 104 28.59 -23.79 -11.28
C THR C 104 29.49 -24.76 -12.03
N GLY C 105 30.16 -25.62 -11.30
CA GLY C 105 31.24 -26.41 -11.87
C GLY C 105 32.57 -25.68 -11.76
N SER C 106 32.51 -24.47 -11.21
CA SER C 106 33.70 -23.71 -10.87
C SER C 106 33.67 -23.33 -9.41
N LYS C 107 34.71 -23.73 -8.67
CA LYS C 107 34.68 -23.59 -7.22
C LYS C 107 34.58 -22.15 -6.76
N GLU C 108 35.15 -21.23 -7.53
CA GLU C 108 35.26 -19.88 -7.03
C GLU C 108 34.08 -19.00 -7.42
N LEU C 109 33.39 -19.31 -8.51
CA LEU C 109 32.06 -18.75 -8.67
C LEU C 109 31.16 -19.31 -7.59
N ASP C 110 31.38 -20.56 -7.23
CA ASP C 110 30.56 -21.20 -6.22
C ASP C 110 30.76 -20.51 -4.89
N LYS C 111 31.98 -20.04 -4.67
CA LYS C 111 32.30 -19.27 -3.48
C LYS C 111 31.74 -17.86 -3.60
N LEU C 112 31.65 -17.35 -4.83
CA LEU C 112 30.97 -16.08 -5.04
C LEU C 112 29.49 -16.24 -4.75
N LEU C 113 28.91 -17.26 -5.34
CA LEU C 113 27.48 -17.48 -5.27
C LEU C 113 27.12 -18.16 -3.96
N GLN C 114 28.14 -18.48 -3.17
CA GLN C 114 27.92 -19.22 -1.94
C GLN C 114 27.22 -20.52 -2.28
N GLY C 115 27.99 -21.51 -2.75
CA GLY C 115 27.44 -22.83 -2.99
C GLY C 115 26.66 -22.92 -4.29
N GLY C 116 26.83 -21.93 -5.15
CA GLY C 116 26.24 -21.98 -6.47
C GLY C 116 24.79 -21.52 -6.51
N ILE C 117 24.21 -21.53 -7.70
CA ILE C 117 22.86 -21.03 -7.91
C ILE C 117 21.83 -21.79 -7.10
N GLU C 118 20.95 -21.07 -6.43
CA GLU C 118 19.98 -21.71 -5.55
C GLU C 118 18.84 -22.39 -6.27
N THR C 119 18.34 -23.45 -5.65
CA THR C 119 17.17 -24.17 -6.12
C THR C 119 15.94 -23.31 -5.97
N GLY C 120 15.08 -23.31 -6.98
CA GLY C 120 13.81 -22.62 -6.87
C GLY C 120 13.86 -21.10 -6.96
N SER C 121 14.97 -20.57 -7.49
CA SER C 121 15.12 -19.12 -7.62
C SER C 121 15.29 -18.70 -9.08
N ILE C 122 15.69 -17.45 -9.27
CA ILE C 122 15.92 -16.92 -10.60
C ILE C 122 17.32 -16.35 -10.68
N THR C 123 17.90 -16.35 -11.88
CA THR C 123 19.25 -15.86 -12.08
C THR C 123 19.33 -14.94 -13.28
N GLU C 124 20.38 -14.14 -13.35
CA GLU C 124 20.54 -13.18 -14.44
C GLU C 124 21.96 -13.15 -15.03
N MET C 125 22.06 -13.04 -16.35
CA MET C 125 23.35 -12.87 -16.99
C MET C 125 23.43 -11.46 -17.57
N PHE C 126 24.40 -10.69 -17.08
CA PHE C 126 24.63 -9.37 -17.62
C PHE C 126 25.91 -9.44 -18.42
N GLY C 127 25.83 -9.08 -19.70
CA GLY C 127 26.99 -9.11 -20.58
C GLY C 127 26.74 -8.49 -21.94
N GLU C 128 27.82 -8.16 -22.64
CA GLU C 128 27.71 -7.56 -23.96
C GLU C 128 27.57 -8.64 -25.03
N PHE C 129 28.64 -9.40 -25.25
CA PHE C 129 28.64 -10.46 -26.22
C PHE C 129 29.95 -11.13 -25.97
N ARG C 130 30.19 -12.30 -26.54
CA ARG C 130 31.53 -12.87 -26.48
C ARG C 130 31.87 -13.20 -25.03
N THR C 131 30.87 -13.15 -24.15
CA THR C 131 31.11 -13.30 -22.71
C THR C 131 31.14 -14.74 -22.27
N GLY C 132 30.40 -15.59 -22.95
CA GLY C 132 30.27 -16.97 -22.52
C GLY C 132 29.15 -17.21 -21.52
N LYS C 133 28.24 -16.25 -21.39
CA LYS C 133 27.11 -16.44 -20.50
C LYS C 133 26.26 -17.63 -20.92
N THR C 134 26.04 -17.79 -22.22
CA THR C 134 25.34 -18.96 -22.69
C THR C 134 26.19 -20.19 -22.42
N GLN C 135 27.50 -19.99 -22.46
CA GLN C 135 28.44 -21.07 -22.23
C GLN C 135 28.30 -21.54 -20.79
N ILE C 136 28.10 -20.58 -19.91
CA ILE C 136 27.83 -20.88 -18.51
C ILE C 136 26.59 -21.72 -18.47
N CYS C 137 25.59 -21.31 -19.25
CA CYS C 137 24.33 -22.00 -19.19
C CYS C 137 24.43 -23.45 -19.67
N HIS C 138 25.28 -23.72 -20.65
CA HIS C 138 25.50 -25.11 -21.04
C HIS C 138 26.19 -25.88 -19.95
N THR C 139 27.21 -25.29 -19.36
CA THR C 139 27.95 -25.99 -18.33
C THR C 139 27.05 -26.32 -17.15
N LEU C 140 26.12 -25.42 -16.86
CA LEU C 140 25.18 -25.66 -15.80
C LEU C 140 24.26 -26.79 -16.18
N ALA C 141 23.82 -26.78 -17.44
CA ALA C 141 22.90 -27.79 -17.91
C ALA C 141 23.52 -29.17 -17.80
N VAL C 142 24.84 -29.24 -17.95
CA VAL C 142 25.51 -30.52 -17.79
C VAL C 142 25.63 -30.88 -16.33
N THR C 143 26.02 -29.91 -15.51
CA THR C 143 26.33 -30.22 -14.12
C THR C 143 25.09 -30.53 -13.29
N CYS C 144 23.92 -30.17 -13.78
CA CYS C 144 22.71 -30.43 -13.01
C CYS C 144 22.51 -31.92 -12.76
N GLN C 145 22.98 -32.74 -13.68
CA GLN C 145 22.83 -34.18 -13.53
C GLN C 145 23.64 -34.70 -12.36
N LEU C 146 24.65 -33.94 -11.96
CA LEU C 146 25.61 -34.42 -10.99
C LEU C 146 24.98 -34.72 -9.64
N PRO C 147 25.49 -35.77 -8.98
CA PRO C 147 25.09 -36.09 -7.62
C PRO C 147 25.49 -34.95 -6.70
N ILE C 148 24.72 -34.75 -5.65
CA ILE C 148 24.80 -33.54 -4.84
C ILE C 148 26.18 -33.36 -4.23
N ASP C 149 26.89 -34.47 -4.05
CA ASP C 149 28.25 -34.41 -3.54
C ASP C 149 29.17 -33.70 -4.54
N ARG C 150 28.80 -33.78 -5.81
CA ARG C 150 29.50 -33.03 -6.85
C ARG C 150 28.92 -31.62 -6.92
N GLY C 151 27.93 -31.34 -6.07
CA GLY C 151 27.27 -30.05 -6.08
C GLY C 151 26.11 -29.92 -7.05
N GLY C 152 25.72 -31.02 -7.67
CA GLY C 152 24.56 -31.02 -8.54
C GLY C 152 23.26 -31.17 -7.77
N GLY C 153 22.14 -31.04 -8.46
CA GLY C 153 20.84 -31.22 -7.85
C GLY C 153 20.19 -32.55 -8.18
N GLU C 154 20.86 -33.31 -9.02
CA GLU C 154 20.29 -34.52 -9.61
C GLU C 154 18.87 -34.31 -10.13
N GLY C 155 18.78 -33.76 -11.34
CA GLY C 155 17.51 -33.61 -12.00
C GLY C 155 17.70 -33.48 -13.50
N LYS C 156 16.70 -33.88 -14.31
CA LYS C 156 16.70 -33.72 -15.74
C LYS C 156 16.62 -32.22 -16.03
N ALA C 157 17.27 -31.79 -17.10
CA ALA C 157 17.36 -30.37 -17.41
C ALA C 157 16.70 -30.03 -18.74
N MET C 158 15.87 -29.00 -18.73
CA MET C 158 15.23 -28.51 -19.95
C MET C 158 15.83 -27.16 -20.32
N TYR C 159 16.32 -27.05 -21.54
CA TYR C 159 16.97 -25.84 -22.00
C TYR C 159 16.23 -25.24 -23.18
N ILE C 160 15.92 -23.95 -23.09
CA ILE C 160 15.24 -23.26 -24.18
C ILE C 160 16.13 -22.16 -24.73
N ASP C 161 16.36 -22.19 -26.04
CA ASP C 161 17.20 -21.20 -26.70
C ASP C 161 16.46 -20.49 -27.82
N THR C 162 16.58 -19.17 -27.87
CA THR C 162 15.93 -18.37 -28.90
C THR C 162 16.84 -18.15 -30.10
N GLU C 163 18.15 -18.07 -29.83
CA GLU C 163 19.14 -17.85 -30.87
C GLU C 163 19.66 -19.18 -31.42
N GLY C 164 19.27 -20.28 -30.77
CA GLY C 164 19.55 -21.61 -31.28
C GLY C 164 20.99 -22.04 -31.12
N THR C 165 21.73 -21.30 -30.31
CA THR C 165 23.16 -21.52 -30.13
C THR C 165 23.46 -22.86 -29.48
N PHE C 166 22.45 -23.40 -28.81
CA PHE C 166 22.52 -24.68 -28.09
C PHE C 166 23.55 -25.65 -28.65
N ARG C 167 24.41 -26.13 -27.77
CA ARG C 167 25.61 -26.80 -28.19
C ARG C 167 25.75 -28.15 -27.52
N PRO C 168 25.08 -29.16 -28.08
CA PRO C 168 25.12 -30.52 -27.55
C PRO C 168 26.55 -31.00 -27.51
N GLU C 169 27.36 -30.52 -28.46
CA GLU C 169 28.78 -30.76 -28.43
C GLU C 169 29.35 -30.40 -27.08
N ARG C 170 29.00 -29.21 -26.61
CA ARG C 170 29.49 -28.72 -25.33
C ARG C 170 28.99 -29.61 -24.19
N LEU C 171 27.79 -30.17 -24.36
CA LEU C 171 27.24 -31.05 -23.35
C LEU C 171 28.12 -32.28 -23.26
N LEU C 172 28.54 -32.76 -24.42
CA LEU C 172 29.43 -33.89 -24.47
C LEU C 172 30.75 -33.48 -23.86
N ALA C 173 31.09 -32.21 -24.00
CA ALA C 173 32.37 -31.69 -23.55
C ALA C 173 32.48 -31.70 -22.03
N VAL C 174 31.50 -31.11 -21.36
CA VAL C 174 31.53 -31.08 -19.91
C VAL C 174 31.26 -32.50 -19.38
N ALA C 175 30.61 -33.31 -20.20
CA ALA C 175 30.48 -34.71 -19.88
C ALA C 175 31.86 -35.34 -19.79
N GLU C 176 32.72 -34.95 -20.72
CA GLU C 176 34.11 -35.40 -20.72
C GLU C 176 34.82 -34.83 -19.51
N ARG C 177 34.37 -33.66 -19.07
CA ARG C 177 34.92 -33.03 -17.89
C ARG C 177 34.63 -33.87 -16.65
N TYR C 178 33.51 -34.59 -16.67
CA TYR C 178 33.11 -35.31 -15.47
C TYR C 178 32.97 -36.81 -15.65
N GLY C 179 32.84 -37.26 -16.90
CA GLY C 179 32.89 -38.67 -17.20
C GLY C 179 31.57 -39.42 -17.24
N LEU C 180 30.51 -38.80 -16.74
CA LEU C 180 29.19 -39.37 -16.94
C LEU C 180 28.96 -39.35 -18.44
N SER C 181 28.32 -40.39 -18.97
CA SER C 181 28.23 -40.54 -20.42
C SER C 181 27.50 -39.36 -21.05
N GLY C 182 27.98 -38.93 -22.20
CA GLY C 182 27.38 -37.81 -22.90
C GLY C 182 25.99 -38.17 -23.34
N SER C 183 25.79 -39.47 -23.56
CA SER C 183 24.46 -39.98 -23.86
C SER C 183 23.54 -39.74 -22.67
N ASP C 184 24.05 -39.91 -21.45
CA ASP C 184 23.26 -39.57 -20.27
C ASP C 184 23.02 -38.08 -20.15
N VAL C 185 23.96 -37.29 -20.64
CA VAL C 185 23.79 -35.86 -20.62
C VAL C 185 22.63 -35.50 -21.53
N LEU C 186 22.54 -36.22 -22.64
CA LEU C 186 21.50 -35.94 -23.62
C LEU C 186 20.20 -36.62 -23.22
N ASP C 187 20.28 -37.48 -22.21
CA ASP C 187 19.09 -38.11 -21.65
C ASP C 187 18.19 -37.04 -21.02
N ASN C 188 18.81 -35.97 -20.52
CA ASN C 188 18.08 -34.86 -19.94
C ASN C 188 18.06 -33.65 -20.86
N VAL C 189 18.25 -32.45 -20.31
CA VAL C 189 18.28 -31.26 -21.12
C VAL C 189 17.29 -31.42 -22.26
N ALA C 190 16.16 -30.75 -22.17
CA ALA C 190 15.16 -30.80 -23.22
C ALA C 190 15.22 -29.49 -23.97
N TYR C 191 15.45 -29.57 -25.27
CA TYR C 191 15.62 -28.37 -26.06
C TYR C 191 14.50 -28.19 -27.08
N ALA C 192 13.82 -27.06 -26.99
CA ALA C 192 12.86 -26.66 -28.01
C ALA C 192 13.25 -25.27 -28.48
N ARG C 193 13.33 -25.08 -29.80
CA ARG C 193 13.63 -23.77 -30.36
C ARG C 193 12.39 -22.87 -30.36
N ALA C 194 12.51 -21.71 -29.74
CA ALA C 194 11.40 -20.77 -29.67
C ALA C 194 11.49 -19.72 -30.77
N PHE C 195 10.75 -18.61 -30.64
CA PHE C 195 10.78 -17.57 -31.64
C PHE C 195 9.90 -16.39 -31.25
N ASN C 196 8.63 -16.64 -30.98
CA ASN C 196 7.78 -15.59 -30.45
C ASN C 196 8.01 -15.46 -28.97
N THR C 197 7.71 -14.28 -28.46
CA THR C 197 7.51 -14.17 -27.03
C THR C 197 6.30 -15.04 -26.73
N ASP C 198 5.37 -15.04 -27.67
CA ASP C 198 4.14 -15.80 -27.54
C ASP C 198 4.39 -17.29 -27.48
N HIS C 199 5.42 -17.75 -28.20
CA HIS C 199 5.74 -19.16 -28.17
C HIS C 199 6.28 -19.55 -26.81
N GLN C 200 6.90 -18.59 -26.13
CA GLN C 200 7.64 -18.91 -24.92
C GLN C 200 6.71 -19.49 -23.89
N THR C 201 5.59 -18.82 -23.68
CA THR C 201 4.66 -19.22 -22.65
C THR C 201 4.14 -20.59 -22.96
N GLN C 202 4.01 -20.88 -24.24
CA GLN C 202 3.51 -22.16 -24.68
C GLN C 202 4.53 -23.22 -24.27
N LEU C 203 5.79 -22.89 -24.48
CA LEU C 203 6.88 -23.77 -24.08
C LEU C 203 6.88 -23.94 -22.58
N LEU C 204 6.37 -22.94 -21.87
CA LEU C 204 6.34 -22.99 -20.42
C LEU C 204 5.30 -23.95 -19.92
N TYR C 205 4.10 -23.89 -20.49
CA TYR C 205 3.10 -24.83 -20.05
C TYR C 205 3.49 -26.24 -20.48
N GLN C 206 4.09 -26.35 -21.67
CA GLN C 206 4.55 -27.65 -22.11
C GLN C 206 5.57 -28.11 -21.10
N ALA C 207 6.33 -27.15 -20.59
CA ALA C 207 7.36 -27.47 -19.63
C ALA C 207 6.71 -28.05 -18.41
N SER C 208 5.58 -27.48 -18.01
CA SER C 208 4.92 -27.94 -16.79
C SER C 208 4.48 -29.38 -16.91
N ALA C 209 3.85 -29.68 -18.05
CA ALA C 209 3.38 -31.01 -18.30
C ALA C 209 4.56 -31.96 -18.35
N MET C 210 5.68 -31.47 -18.85
CA MET C 210 6.91 -32.25 -18.85
C MET C 210 7.40 -32.47 -17.43
N MET C 211 7.09 -31.52 -16.55
CA MET C 211 7.62 -31.54 -15.19
C MET C 211 6.98 -32.63 -14.39
N VAL C 212 5.66 -32.55 -14.26
CA VAL C 212 4.98 -33.37 -13.25
C VAL C 212 5.17 -34.87 -13.56
N GLU C 213 5.52 -35.14 -14.81
CA GLU C 213 5.97 -36.46 -15.22
C GLU C 213 7.14 -36.95 -14.36
N SER C 214 8.15 -36.11 -14.20
CA SER C 214 9.35 -36.48 -13.45
C SER C 214 10.16 -35.26 -13.02
N ARG C 215 10.95 -35.43 -11.97
CA ARG C 215 11.73 -34.32 -11.42
C ARG C 215 12.69 -33.73 -12.42
N TYR C 216 12.76 -32.41 -12.43
CA TYR C 216 13.77 -31.69 -13.19
C TYR C 216 14.61 -30.81 -12.29
N ALA C 217 15.81 -30.50 -12.74
CA ALA C 217 16.69 -29.66 -11.96
C ALA C 217 16.55 -28.20 -12.32
N LEU C 218 16.74 -27.90 -13.60
CA LEU C 218 16.96 -26.53 -14.01
C LEU C 218 16.25 -26.14 -15.29
N LEU C 219 15.59 -25.00 -15.26
CA LEU C 219 15.18 -24.27 -16.45
C LEU C 219 16.27 -23.31 -16.88
N ILE C 220 16.56 -23.29 -18.17
CA ILE C 220 17.51 -22.32 -18.68
C ILE C 220 16.90 -21.58 -19.84
N VAL C 221 17.07 -20.27 -19.85
CA VAL C 221 16.70 -19.46 -20.99
C VAL C 221 17.78 -18.43 -21.24
N ASP C 222 18.62 -18.66 -22.24
CA ASP C 222 19.73 -17.75 -22.51
C ASP C 222 19.23 -16.38 -22.94
N SER C 223 18.02 -16.36 -23.48
CA SER C 223 17.59 -15.19 -24.22
C SER C 223 16.14 -14.83 -23.95
N ALA C 224 15.75 -14.89 -22.69
CA ALA C 224 14.38 -14.58 -22.28
C ALA C 224 14.01 -13.16 -22.64
N THR C 225 15.02 -12.31 -22.73
CA THR C 225 14.83 -10.92 -23.10
C THR C 225 14.74 -10.73 -24.60
N ALA C 226 15.43 -11.60 -25.33
CA ALA C 226 15.83 -11.29 -26.70
C ALA C 226 14.70 -11.02 -27.65
N LEU C 227 13.64 -11.82 -27.55
CA LEU C 227 12.56 -11.75 -28.50
C LEU C 227 11.75 -10.47 -28.40
N TYR C 228 11.72 -9.89 -27.19
CA TYR C 228 10.94 -8.69 -26.94
C TYR C 228 11.43 -7.43 -27.64
N ARG C 229 12.73 -7.32 -27.86
CA ARG C 229 13.24 -6.20 -28.64
C ARG C 229 12.70 -6.23 -30.05
N THR C 230 12.35 -7.42 -30.51
CA THR C 230 12.08 -7.63 -31.91
C THR C 230 10.61 -7.72 -32.25
N ASP C 231 9.86 -8.52 -31.50
CA ASP C 231 8.43 -8.60 -31.74
C ASP C 231 7.81 -7.25 -31.46
N TYR C 232 8.41 -6.52 -30.54
CA TYR C 232 7.97 -5.18 -30.23
C TYR C 232 8.97 -4.15 -30.71
N SER C 233 8.61 -3.42 -31.75
CA SER C 233 9.45 -2.36 -32.27
C SER C 233 8.93 -1.00 -31.83
N GLY C 234 9.79 -0.25 -31.13
CA GLY C 234 9.35 0.86 -30.32
C GLY C 234 8.67 2.03 -31.02
N ARG C 235 7.83 2.74 -30.27
CA ARG C 235 7.61 2.40 -28.87
C ARG C 235 6.16 2.59 -28.45
N GLY C 236 5.70 1.75 -27.54
CA GLY C 236 4.36 1.88 -27.02
C GLY C 236 3.31 1.17 -27.86
N GLU C 237 3.20 -0.16 -27.83
CA GLU C 237 4.10 -1.15 -27.21
C GLU C 237 4.64 -0.84 -25.80
N LEU C 238 5.95 -0.73 -25.67
CA LEU C 238 6.61 -0.42 -24.40
C LEU C 238 5.98 -1.13 -23.24
N SER C 239 4.89 -0.55 -22.76
CA SER C 239 4.08 -1.16 -21.72
C SER C 239 3.72 -2.55 -22.12
N ALA C 240 3.22 -2.68 -23.34
CA ALA C 240 2.74 -3.97 -23.79
C ALA C 240 3.90 -4.93 -23.76
N ARG C 241 5.08 -4.45 -24.11
CA ARG C 241 6.23 -5.34 -24.12
C ARG C 241 6.44 -5.83 -22.72
N GLN C 242 6.49 -4.88 -21.80
CA GLN C 242 6.71 -5.20 -20.41
C GLN C 242 5.60 -6.08 -19.92
N MET C 243 4.41 -5.79 -20.44
CA MET C 243 3.21 -6.44 -19.98
C MET C 243 3.32 -7.93 -20.20
N HIS C 244 4.07 -8.31 -21.21
CA HIS C 244 4.16 -9.73 -21.49
C HIS C 244 5.21 -10.38 -20.61
N LEU C 245 6.31 -9.68 -20.35
CA LEU C 245 7.34 -10.26 -19.49
C LEU C 245 6.81 -10.55 -18.12
N ALA C 246 5.88 -9.72 -17.65
CA ALA C 246 5.25 -9.99 -16.38
C ALA C 246 4.64 -11.36 -16.46
N ARG C 247 3.77 -11.53 -17.46
CA ARG C 247 3.07 -12.78 -17.66
C ARG C 247 4.08 -13.87 -17.89
N PHE C 248 5.22 -13.50 -18.46
CA PHE C 248 6.25 -14.47 -18.66
C PHE C 248 6.94 -14.74 -17.34
N LEU C 249 7.52 -13.71 -16.75
CA LEU C 249 8.44 -13.93 -15.66
C LEU C 249 7.74 -14.56 -14.48
N ARG C 250 6.50 -14.17 -14.29
CA ARG C 250 5.74 -14.68 -13.18
C ARG C 250 5.66 -16.18 -13.25
N MET C 251 5.43 -16.69 -14.46
CA MET C 251 5.24 -18.12 -14.60
C MET C 251 6.50 -18.82 -14.20
N LEU C 252 7.64 -18.20 -14.47
CA LEU C 252 8.90 -18.84 -14.19
C LEU C 252 8.97 -19.09 -12.70
N LEU C 253 8.53 -18.08 -11.95
CA LEU C 253 8.56 -18.18 -10.50
C LEU C 253 7.77 -19.38 -10.09
N ARG C 254 6.59 -19.49 -10.69
CA ARG C 254 5.65 -20.51 -10.28
C ARG C 254 6.26 -21.88 -10.48
N LEU C 255 7.05 -21.99 -11.54
CA LEU C 255 7.64 -23.27 -11.85
C LEU C 255 8.60 -23.60 -10.73
N ALA C 256 9.43 -22.63 -10.39
CA ALA C 256 10.40 -22.80 -9.33
C ALA C 256 9.66 -22.97 -8.02
N ASP C 257 8.45 -22.44 -7.96
CA ASP C 257 7.67 -22.49 -6.73
C ASP C 257 7.00 -23.83 -6.57
N GLU C 258 7.07 -24.68 -7.58
CA GLU C 258 6.35 -25.94 -7.54
C GLU C 258 7.23 -27.16 -7.73
N PHE C 259 8.52 -26.93 -7.84
CA PHE C 259 9.42 -28.03 -8.13
C PHE C 259 10.78 -27.78 -7.50
N GLY C 260 11.03 -26.51 -7.20
CA GLY C 260 12.32 -26.13 -6.66
C GLY C 260 13.30 -25.97 -7.80
N VAL C 261 12.79 -26.11 -9.02
CA VAL C 261 13.64 -26.02 -10.19
C VAL C 261 14.32 -24.67 -10.23
N ALA C 262 15.62 -24.67 -10.47
CA ALA C 262 16.35 -23.42 -10.54
C ALA C 262 16.05 -22.75 -11.87
N VAL C 263 16.17 -21.43 -11.91
CA VAL C 263 15.84 -20.70 -13.12
C VAL C 263 16.96 -19.73 -13.53
N VAL C 264 17.42 -19.86 -14.77
CA VAL C 264 18.49 -19.00 -15.28
C VAL C 264 17.99 -18.12 -16.41
N ILE C 265 18.19 -16.81 -16.27
CA ILE C 265 17.83 -15.85 -17.30
C ILE C 265 19.06 -15.16 -17.86
N THR C 266 19.15 -15.13 -19.19
CA THR C 266 20.26 -14.44 -19.84
C THR C 266 19.71 -13.20 -20.54
N ASN C 267 20.31 -12.04 -20.27
CA ASN C 267 19.82 -10.80 -20.83
C ASN C 267 20.82 -10.11 -21.73
N GLN C 268 20.39 -9.74 -22.93
CA GLN C 268 21.20 -8.93 -23.81
C GLN C 268 21.17 -7.51 -23.28
N VAL C 269 22.32 -6.85 -23.25
CA VAL C 269 22.41 -5.54 -22.64
C VAL C 269 22.58 -4.40 -23.64
N VAL C 270 21.61 -3.48 -23.63
CA VAL C 270 21.69 -2.27 -24.43
C VAL C 270 22.96 -1.51 -24.16
N ALA C 271 23.39 -0.71 -25.11
CA ALA C 271 24.34 0.32 -24.77
C ALA C 271 23.56 1.37 -24.01
N GLN C 272 24.18 1.99 -23.03
CA GLN C 272 23.59 3.13 -22.35
C GLN C 272 24.17 4.39 -22.96
N VAL C 273 23.32 5.39 -23.18
CA VAL C 273 23.75 6.64 -23.76
C VAL C 273 23.18 7.78 -22.94
N ASP C 274 23.96 8.85 -22.80
CA ASP C 274 23.58 9.96 -21.93
C ASP C 274 24.54 11.12 -22.07
N GLY C 275 25.64 11.06 -21.32
CA GLY C 275 26.66 12.09 -21.34
C GLY C 275 27.78 11.79 -20.36
N PRO C 283 29.01 2.45 -20.62
CA PRO C 283 28.00 1.93 -19.71
C PRO C 283 27.19 0.81 -20.35
N LYS C 284 26.31 0.17 -19.58
CA LYS C 284 25.58 -0.97 -20.09
C LYS C 284 24.08 -0.88 -19.89
N LYS C 285 23.64 -1.28 -18.69
CA LYS C 285 22.23 -1.38 -18.33
C LYS C 285 21.55 -2.59 -18.95
N PRO C 286 20.92 -3.41 -18.10
CA PRO C 286 20.19 -4.60 -18.58
C PRO C 286 18.90 -4.21 -19.28
N ILE C 287 18.49 -4.99 -20.28
CA ILE C 287 17.28 -4.72 -21.03
C ILE C 287 16.05 -5.30 -20.35
N GLY C 288 14.87 -4.86 -20.77
CA GLY C 288 13.63 -5.34 -20.20
C GLY C 288 13.24 -4.42 -19.07
N GLY C 289 14.10 -3.47 -18.75
CA GLY C 289 13.73 -2.42 -17.84
C GLY C 289 13.48 -2.91 -16.43
N ASN C 290 12.75 -2.12 -15.66
CA ASN C 290 12.56 -2.39 -14.25
C ASN C 290 11.86 -3.69 -13.99
N ILE C 291 10.91 -4.05 -14.84
CA ILE C 291 10.01 -5.15 -14.53
C ILE C 291 10.75 -6.46 -14.47
N ILE C 292 11.78 -6.60 -15.29
CA ILE C 292 12.71 -7.70 -15.07
C ILE C 292 13.48 -7.53 -13.79
N ALA C 293 13.86 -6.30 -13.48
CA ALA C 293 14.77 -6.06 -12.38
C ALA C 293 14.13 -6.40 -11.04
N HIS C 294 12.82 -6.23 -10.92
CA HIS C 294 12.16 -6.54 -9.67
C HIS C 294 12.05 -8.03 -9.45
N ALA C 295 11.69 -8.78 -10.49
CA ALA C 295 11.61 -10.22 -10.36
C ALA C 295 12.99 -10.77 -10.10
N SER C 296 13.99 -10.05 -10.58
CA SER C 296 15.38 -10.50 -10.50
C SER C 296 15.77 -10.77 -9.06
N THR C 297 15.68 -12.03 -8.67
CA THR C 297 16.10 -12.43 -7.34
C THR C 297 17.60 -12.24 -7.19
N THR C 298 18.33 -12.42 -8.29
CA THR C 298 19.78 -12.24 -8.31
C THR C 298 20.26 -11.73 -9.66
N ARG C 299 21.49 -11.25 -9.71
CA ARG C 299 22.08 -10.70 -10.92
C ARG C 299 23.57 -10.97 -11.03
N LEU C 300 24.04 -11.19 -12.25
CA LEU C 300 25.45 -11.44 -12.47
C LEU C 300 26.00 -10.67 -13.67
N TYR C 301 26.65 -9.55 -13.41
CA TYR C 301 27.20 -8.71 -14.47
C TYR C 301 28.56 -9.19 -14.91
N LEU C 302 28.62 -9.67 -16.14
CA LEU C 302 29.82 -10.31 -16.67
C LEU C 302 30.62 -9.32 -17.50
N ARG C 303 31.91 -9.58 -17.64
CA ARG C 303 32.77 -8.75 -18.45
C ARG C 303 33.88 -9.57 -19.07
N LYS C 304 34.57 -8.98 -20.03
CA LYS C 304 35.68 -9.68 -20.66
C LYS C 304 37.00 -9.08 -20.27
N GLY C 305 37.87 -9.91 -19.70
CA GLY C 305 39.27 -9.57 -19.51
C GLY C 305 40.03 -10.16 -20.67
N ARG C 306 41.32 -10.42 -20.49
CA ARG C 306 42.07 -11.17 -21.50
C ARG C 306 41.75 -12.66 -21.46
N GLY C 307 41.91 -13.31 -22.61
CA GLY C 307 41.85 -14.75 -22.70
C GLY C 307 40.47 -15.31 -22.41
N GLU C 308 40.44 -16.58 -22.01
CA GLU C 308 39.20 -17.23 -21.61
C GLU C 308 38.64 -16.57 -20.36
N THR C 309 39.54 -16.03 -19.55
CA THR C 309 39.18 -15.47 -18.25
C THR C 309 38.23 -14.30 -18.41
N ARG C 310 37.17 -14.29 -17.62
CA ARG C 310 36.14 -13.25 -17.68
C ARG C 310 35.77 -12.85 -16.27
N ILE C 311 35.27 -11.63 -16.13
CA ILE C 311 35.05 -11.05 -14.82
C ILE C 311 33.60 -11.16 -14.39
N CYS C 312 33.34 -11.58 -13.16
CA CYS C 312 31.96 -11.75 -12.72
C CYS C 312 31.62 -10.95 -11.48
N GLN C 313 30.86 -9.88 -11.64
CA GLN C 313 30.44 -9.05 -10.51
C GLN C 313 28.97 -9.28 -10.18
N ILE C 314 28.70 -9.58 -8.91
CA ILE C 314 27.33 -9.78 -8.45
C ILE C 314 26.53 -8.49 -8.30
N TYR C 315 25.24 -8.53 -8.66
CA TYR C 315 24.30 -7.49 -8.25
C TYR C 315 23.01 -8.05 -7.67
N ASP C 316 22.39 -7.27 -6.80
CA ASP C 316 21.01 -7.51 -6.38
C ASP C 316 20.76 -8.92 -5.84
N SER C 317 21.24 -9.22 -4.64
CA SER C 317 20.88 -10.47 -3.99
C SER C 317 20.95 -10.34 -2.48
N PRO C 318 19.85 -10.70 -1.81
CA PRO C 318 19.82 -10.73 -0.34
C PRO C 318 20.86 -11.67 0.20
N CYS C 319 21.11 -12.73 -0.56
CA CYS C 319 21.96 -13.82 -0.14
C CYS C 319 23.38 -13.34 0.10
N LEU C 320 23.81 -12.36 -0.70
CA LEU C 320 25.22 -12.16 -0.93
C LEU C 320 25.68 -10.72 -0.75
N PRO C 321 26.90 -10.55 -0.28
CA PRO C 321 27.57 -9.25 -0.42
C PRO C 321 27.80 -8.98 -1.89
N GLU C 322 27.75 -7.73 -2.32
CA GLU C 322 28.18 -7.43 -3.67
C GLU C 322 29.68 -7.66 -3.79
N ALA C 323 30.10 -8.29 -4.88
CA ALA C 323 31.50 -8.64 -5.06
C ALA C 323 31.78 -9.07 -6.49
N GLU C 324 33.05 -9.28 -6.81
CA GLU C 324 33.37 -9.85 -8.11
C GLU C 324 34.55 -10.80 -8.05
N ALA C 325 34.63 -11.71 -9.03
CA ALA C 325 35.81 -12.54 -9.20
C ALA C 325 35.87 -13.16 -10.58
N MET C 326 37.06 -13.60 -10.96
CA MET C 326 37.35 -14.14 -12.29
C MET C 326 36.83 -15.57 -12.47
N PHE C 327 36.58 -15.97 -13.72
CA PHE C 327 36.41 -17.39 -14.05
C PHE C 327 36.72 -17.63 -15.52
N ALA C 328 37.29 -18.78 -15.83
CA ALA C 328 37.74 -19.08 -17.18
C ALA C 328 36.66 -19.75 -18.03
N ILE C 329 36.84 -19.67 -19.33
CA ILE C 329 35.96 -20.35 -20.26
C ILE C 329 36.75 -21.42 -21.01
N ASN C 330 36.90 -22.57 -20.36
CA ASN C 330 37.70 -23.67 -20.90
C ASN C 330 36.97 -24.42 -21.99
N ALA C 331 37.66 -25.38 -22.61
CA ALA C 331 37.05 -26.23 -23.61
C ALA C 331 35.89 -27.00 -22.98
N ASP C 332 35.98 -27.22 -21.67
CA ASP C 332 34.87 -27.77 -20.93
C ASP C 332 34.17 -26.69 -20.11
N GLY C 333 34.40 -25.45 -20.51
CA GLY C 333 33.67 -24.34 -19.94
C GLY C 333 34.07 -23.85 -18.58
N VAL C 334 33.06 -23.44 -17.81
CA VAL C 334 33.26 -22.73 -16.57
C VAL C 334 34.08 -23.55 -15.58
N GLY C 335 35.06 -22.91 -14.97
CA GLY C 335 36.01 -23.59 -14.10
C GLY C 335 36.99 -22.59 -13.55
N ASP C 336 38.28 -22.83 -13.77
CA ASP C 336 39.33 -21.89 -13.37
C ASP C 336 40.28 -21.61 -14.52
#